data_1V8X
#
_entry.id   1V8X
#
_cell.length_a   54.003
_cell.length_b   62.969
_cell.length_c   107.490
_cell.angle_alpha   90.00
_cell.angle_beta   100.96
_cell.angle_gamma   90.00
#
_symmetry.space_group_name_H-M   'P 1 21 1'
#
loop_
_entity.id
_entity.type
_entity.pdbx_description
1 polymer 'Heme oxygenase'
2 branched beta-D-fructofuranose-(2-1)-alpha-D-glucopyranose
3 non-polymer 'PROTOPORPHYRIN IX CONTAINING FE'
4 non-polymer 'SULFATE ION'
5 non-polymer 'OXYGEN MOLECULE'
6 water water
#
_entity_poly.entity_id   1
_entity_poly.type   'polypeptide(L)'
_entity_poly.pdbx_seq_one_letter_code
;MTTATAGLAVELKQSTAQAHEKAEHSTFMSDLLKGRLGVAEFTRLQEQAWLFYTALEQAVDAVRASGFAESLLDPALNRA
EVLARDLDKLNGSSEWRSRITASPAVIDYVNRLEEIRDNVDGPALVAHHYVRYLGDLSGGQVIARMMQRHYGVDPEALGF
YHFEGIAKLKVYKDEYREKLNNLELSDEQREHLLKEATDAFVFNHQVFADLGKGL
;
_entity_poly.pdbx_strand_id   A,B,C
#
loop_
_chem_comp.id
_chem_comp.type
_chem_comp.name
_chem_comp.formula
FRU D-saccharide, beta linking beta-D-fructofuranose 'C6 H12 O6'
GLC D-saccharide, alpha linking alpha-D-glucopyranose 'C6 H12 O6'
HEM non-polymer 'PROTOPORPHYRIN IX CONTAINING FE' 'C34 H32 Fe N4 O4'
OXY non-polymer 'OXYGEN MOLECULE' O2
SO4 non-polymer 'SULFATE ION' 'O4 S -2'
#
# COMPACT_ATOMS: atom_id res chain seq x y z
N THR A 5 22.81 1.53 -13.79
CA THR A 5 23.49 2.20 -14.95
C THR A 5 23.94 1.24 -16.09
N ALA A 6 23.83 -0.06 -15.86
CA ALA A 6 24.34 -1.06 -16.79
C ALA A 6 23.20 -1.84 -17.47
N GLY A 7 21.99 -1.31 -17.36
CA GLY A 7 20.88 -1.92 -18.03
C GLY A 7 20.11 -2.87 -17.14
N LEU A 8 18.90 -3.23 -17.60
CA LEU A 8 17.98 -3.95 -16.74
C LEU A 8 18.43 -5.35 -16.47
N ALA A 9 19.01 -6.02 -17.44
CA ALA A 9 19.42 -7.38 -17.22
C ALA A 9 20.42 -7.49 -16.04
N VAL A 10 21.38 -6.58 -16.01
CA VAL A 10 22.38 -6.56 -14.97
C VAL A 10 21.71 -6.22 -13.63
N GLU A 11 20.82 -5.25 -13.63
CA GLU A 11 20.17 -4.84 -12.39
C GLU A 11 19.34 -6.01 -11.84
N LEU A 12 18.65 -6.74 -12.70
CA LEU A 12 17.89 -7.90 -12.22
C LEU A 12 18.78 -8.94 -11.63
N LYS A 13 19.88 -9.25 -12.32
CA LYS A 13 20.79 -10.27 -11.81
C LYS A 13 21.36 -9.85 -10.43
N GLN A 14 21.79 -8.59 -10.29
CA GLN A 14 22.35 -8.15 -9.04
C GLN A 14 21.31 -8.09 -7.94
N SER A 15 20.14 -7.56 -8.29
CA SER A 15 19.03 -7.37 -7.39
C SER A 15 18.57 -8.67 -6.74
N THR A 16 18.65 -9.77 -7.48
CA THR A 16 18.13 -11.07 -7.03
C THR A 16 19.18 -12.05 -6.63
N ALA A 17 20.43 -11.60 -6.64
CA ALA A 17 21.55 -12.48 -6.38
C ALA A 17 21.45 -13.26 -5.05
N GLN A 18 21.15 -12.53 -3.98
CA GLN A 18 21.05 -13.13 -2.64
C GLN A 18 19.83 -14.07 -2.58
N ALA A 19 18.72 -13.66 -3.16
CA ALA A 19 17.52 -14.51 -3.25
C ALA A 19 17.79 -15.77 -4.09
N HIS A 20 18.67 -15.66 -5.10
CA HIS A 20 19.03 -16.81 -5.93
C HIS A 20 19.78 -17.84 -5.12
N GLU A 21 20.79 -17.36 -4.38
CA GLU A 21 21.57 -18.15 -3.45
C GLU A 21 20.73 -18.88 -2.41
N LYS A 22 19.75 -18.21 -1.84
CA LYS A 22 18.84 -18.83 -0.85
C LYS A 22 18.03 -19.96 -1.45
N ALA A 23 17.55 -19.79 -2.68
CA ALA A 23 16.71 -20.82 -3.31
C ALA A 23 17.55 -22.02 -3.67
N GLU A 24 18.69 -21.76 -4.31
CA GLU A 24 19.67 -22.80 -4.69
C GLU A 24 20.18 -23.62 -3.49
N HIS A 25 20.37 -22.97 -2.33
CA HIS A 25 20.86 -23.67 -1.16
C HIS A 25 19.78 -24.16 -0.21
N SER A 26 18.50 -24.11 -0.61
CA SER A 26 17.49 -24.74 0.22
C SER A 26 17.83 -26.21 0.48
N THR A 27 17.43 -26.69 1.64
CA THR A 27 17.72 -28.05 2.06
C THR A 27 17.16 -29.08 1.06
N PHE A 28 15.93 -28.87 0.61
CA PHE A 28 15.32 -29.74 -0.38
C PHE A 28 16.15 -29.79 -1.67
N MET A 29 16.44 -28.65 -2.27
CA MET A 29 17.14 -28.68 -3.56
C MET A 29 18.57 -29.14 -3.40
N SER A 30 19.23 -28.70 -2.34
CA SER A 30 20.59 -29.16 -2.02
C SER A 30 20.65 -30.69 -1.91
N ASP A 31 19.73 -31.28 -1.16
CA ASP A 31 19.66 -32.74 -0.96
C ASP A 31 19.36 -33.43 -2.29
N LEU A 32 18.48 -32.84 -3.10
CA LEU A 32 18.10 -33.40 -4.39
C LEU A 32 19.32 -33.49 -5.28
N LEU A 33 20.07 -32.39 -5.42
CA LEU A 33 21.16 -32.30 -6.39
C LEU A 33 22.37 -33.07 -5.95
N LYS A 34 22.55 -33.33 -4.65
CA LYS A 34 23.68 -34.14 -4.19
C LYS A 34 23.43 -35.63 -4.12
N GLY A 35 22.25 -36.05 -4.50
CA GLY A 35 21.93 -37.47 -4.62
C GLY A 35 21.28 -38.06 -3.38
N ARG A 36 20.88 -37.24 -2.43
CA ARG A 36 20.34 -37.74 -1.15
C ARG A 36 18.86 -38.12 -1.16
N LEU A 37 18.11 -37.69 -2.19
CA LEU A 37 16.67 -37.96 -2.29
C LEU A 37 16.46 -38.99 -3.35
N GLY A 38 15.60 -38.74 -4.31
CA GLY A 38 15.29 -39.73 -5.32
C GLY A 38 14.34 -39.21 -6.38
N VAL A 39 14.01 -40.09 -7.33
CA VAL A 39 13.08 -39.73 -8.41
C VAL A 39 11.71 -39.36 -7.87
N ALA A 40 11.27 -39.98 -6.77
CA ALA A 40 9.99 -39.62 -6.15
C ALA A 40 9.98 -38.14 -5.81
N GLU A 41 11.03 -37.68 -5.13
CA GLU A 41 11.08 -36.26 -4.73
C GLU A 41 11.15 -35.34 -5.93
N PHE A 42 11.95 -35.71 -6.92
CA PHE A 42 12.01 -34.95 -8.18
C PHE A 42 10.63 -34.83 -8.78
N THR A 43 9.89 -35.94 -8.75
CA THR A 43 8.57 -35.99 -9.31
C THR A 43 7.59 -35.06 -8.60
N ARG A 44 7.63 -35.04 -7.26
CA ARG A 44 6.82 -34.12 -6.48
C ARG A 44 7.15 -32.67 -6.84
N LEU A 45 8.43 -32.35 -7.01
CA LEU A 45 8.83 -31.03 -7.47
C LEU A 45 8.19 -30.63 -8.78
N GLN A 46 8.29 -31.53 -9.73
CA GLN A 46 7.77 -31.29 -11.07
C GLN A 46 6.22 -31.21 -11.08
N GLU A 47 5.53 -31.92 -10.22
CA GLU A 47 4.07 -31.79 -10.08
C GLU A 47 3.69 -30.39 -9.60
N GLN A 48 4.43 -29.87 -8.62
CA GLN A 48 4.18 -28.49 -8.14
C GLN A 48 4.51 -27.48 -9.27
N ALA A 49 5.64 -27.70 -9.94
CA ALA A 49 6.05 -26.91 -11.11
C ALA A 49 5.02 -26.91 -12.21
N TRP A 50 4.34 -28.04 -12.46
CA TRP A 50 3.25 -28.04 -13.41
C TRP A 50 2.11 -27.09 -13.03
N LEU A 51 1.76 -27.03 -11.75
CA LEU A 51 0.74 -26.10 -11.31
C LEU A 51 1.13 -24.66 -11.53
N PHE A 52 2.35 -24.30 -11.14
CA PHE A 52 2.77 -22.90 -11.32
C PHE A 52 3.18 -22.49 -12.72
N TYR A 53 3.72 -23.42 -13.50
CA TYR A 53 3.91 -23.14 -14.94
C TYR A 53 2.60 -22.93 -15.70
N THR A 54 1.62 -23.72 -15.38
CA THR A 54 0.29 -23.55 -15.97
C THR A 54 -0.19 -22.10 -15.72
N ALA A 55 -0.08 -21.65 -14.46
CA ALA A 55 -0.50 -20.31 -14.11
C ALA A 55 0.38 -19.26 -14.77
N LEU A 56 1.72 -19.46 -14.75
CA LEU A 56 2.65 -18.50 -15.37
C LEU A 56 2.33 -18.33 -16.88
N GLU A 57 2.01 -19.43 -17.56
CA GLU A 57 1.82 -19.40 -18.99
C GLU A 57 0.50 -18.80 -19.44
N GLN A 58 -0.52 -18.85 -18.59
CA GLN A 58 -1.74 -18.12 -18.76
C GLN A 58 -1.43 -16.62 -18.64
N ALA A 59 -0.61 -16.25 -17.66
CA ALA A 59 -0.27 -14.87 -17.51
C ALA A 59 0.59 -14.39 -18.71
N VAL A 60 1.54 -15.22 -19.17
CA VAL A 60 2.32 -14.87 -20.35
C VAL A 60 1.40 -14.63 -21.54
N ASP A 61 0.47 -15.55 -21.78
CA ASP A 61 -0.46 -15.43 -22.90
C ASP A 61 -1.24 -14.10 -22.85
N ALA A 62 -1.70 -13.71 -21.67
CA ALA A 62 -2.43 -12.49 -21.52
C ALA A 62 -1.56 -11.29 -21.84
N VAL A 63 -0.40 -11.24 -21.25
CA VAL A 63 0.49 -10.08 -21.45
C VAL A 63 0.99 -10.01 -22.88
N ARG A 64 1.36 -11.16 -23.49
CA ARG A 64 1.73 -11.22 -24.91
C ARG A 64 0.61 -10.68 -25.78
N ALA A 65 -0.61 -11.10 -25.54
CA ALA A 65 -1.74 -10.62 -26.36
C ALA A 65 -1.93 -9.12 -26.22
N SER A 66 -1.64 -8.57 -25.04
CA SER A 66 -1.75 -7.11 -24.81
C SER A 66 -0.78 -6.29 -25.64
N GLY A 67 0.25 -6.94 -26.16
CA GLY A 67 1.27 -6.26 -26.95
C GLY A 67 2.54 -5.89 -26.19
N PHE A 68 2.67 -6.29 -24.95
CA PHE A 68 3.81 -5.90 -24.10
C PHE A 68 4.88 -6.99 -24.18
N ALA A 69 6.14 -6.59 -24.43
CA ALA A 69 7.29 -7.49 -24.40
C ALA A 69 7.15 -8.68 -25.33
N GLU A 70 6.51 -8.49 -26.50
CA GLU A 70 6.15 -9.63 -27.35
C GLU A 70 7.32 -10.49 -27.75
N SER A 71 8.43 -9.90 -28.18
CA SER A 71 9.57 -10.67 -28.65
C SER A 71 10.23 -11.44 -27.50
N LEU A 72 10.08 -10.96 -26.27
CA LEU A 72 10.65 -11.66 -25.12
C LEU A 72 9.86 -12.94 -24.78
N LEU A 73 8.53 -12.83 -24.98
CA LEU A 73 7.57 -13.83 -24.56
C LEU A 73 7.42 -14.91 -25.66
N ASP A 74 8.55 -15.56 -25.97
CA ASP A 74 8.66 -16.56 -26.98
C ASP A 74 7.84 -17.82 -26.63
N PRO A 75 6.83 -18.17 -27.41
CA PRO A 75 6.05 -19.39 -27.12
C PRO A 75 6.84 -20.68 -27.12
N ALA A 76 8.01 -20.72 -27.76
CA ALA A 76 8.88 -21.90 -27.64
C ALA A 76 9.27 -22.20 -26.22
N LEU A 77 9.25 -21.21 -25.33
CA LEU A 77 9.59 -21.43 -23.95
C LEU A 77 8.52 -22.20 -23.15
N ASN A 78 7.27 -22.27 -23.68
CA ASN A 78 6.19 -22.85 -22.94
C ASN A 78 6.58 -24.28 -22.48
N ARG A 79 6.36 -24.56 -21.20
CA ARG A 79 6.73 -25.82 -20.53
C ARG A 79 5.55 -26.68 -20.12
N ALA A 80 4.33 -26.15 -20.04
CA ALA A 80 3.29 -26.91 -19.33
C ALA A 80 2.99 -28.26 -20.00
N GLU A 81 2.94 -28.27 -21.32
CA GLU A 81 2.64 -29.45 -22.07
C GLU A 81 3.77 -30.48 -22.06
N VAL A 82 5.01 -30.04 -22.23
CA VAL A 82 6.16 -31.00 -22.14
C VAL A 82 6.28 -31.54 -20.72
N LEU A 83 6.06 -30.70 -19.75
CA LEU A 83 6.04 -31.10 -18.34
C LEU A 83 5.01 -32.14 -17.99
N ALA A 84 3.81 -32.00 -18.52
CA ALA A 84 2.78 -33.02 -18.37
C ALA A 84 3.22 -34.32 -19.01
N ARG A 85 3.86 -34.26 -20.16
CA ARG A 85 4.40 -35.51 -20.74
C ARG A 85 5.50 -36.17 -19.89
N ASP A 86 6.36 -35.36 -19.29
CA ASP A 86 7.36 -35.83 -18.31
C ASP A 86 6.68 -36.49 -17.13
N LEU A 87 5.63 -35.86 -16.62
CA LEU A 87 4.90 -36.41 -15.47
C LEU A 87 4.19 -37.71 -15.84
N ASP A 88 3.65 -37.78 -17.05
CA ASP A 88 3.08 -39.05 -17.51
C ASP A 88 4.11 -40.23 -17.44
N LYS A 89 5.33 -39.95 -17.86
CA LYS A 89 6.40 -40.92 -17.85
C LYS A 89 6.86 -41.20 -16.41
N LEU A 90 7.03 -40.16 -15.60
CA LEU A 90 7.55 -40.36 -14.23
C LEU A 90 6.55 -41.14 -13.35
N ASN A 91 5.28 -40.86 -13.54
CA ASN A 91 4.24 -41.49 -12.74
C ASN A 91 3.64 -42.74 -13.38
N GLY A 92 3.90 -42.96 -14.65
CA GLY A 92 3.40 -44.15 -15.32
C GLY A 92 2.02 -44.16 -15.92
N SER A 93 1.31 -43.04 -15.79
CA SER A 93 -0.03 -42.85 -16.26
C SER A 93 -0.39 -41.40 -16.02
N SER A 94 -1.63 -41.06 -16.36
CA SER A 94 -2.22 -39.74 -16.15
C SER A 94 -2.83 -39.50 -14.77
N GLU A 95 -2.71 -40.48 -13.87
CA GLU A 95 -3.31 -40.45 -12.53
C GLU A 95 -3.02 -39.19 -11.77
N TRP A 96 -1.83 -38.64 -11.98
CA TRP A 96 -1.38 -37.50 -11.20
C TRP A 96 -2.27 -36.26 -11.36
N ARG A 97 -2.88 -36.07 -12.52
CA ARG A 97 -3.69 -34.86 -12.74
C ARG A 97 -4.81 -34.68 -11.69
N SER A 98 -5.41 -35.77 -11.29
CA SER A 98 -6.50 -35.68 -10.33
C SER A 98 -6.01 -35.93 -8.89
N ARG A 99 -4.78 -36.42 -8.71
CA ARG A 99 -4.25 -36.60 -7.34
C ARG A 99 -3.54 -35.33 -6.80
N ILE A 100 -2.81 -34.60 -7.64
CA ILE A 100 -1.92 -33.59 -7.08
C ILE A 100 -2.69 -32.43 -6.53
N THR A 101 -2.15 -31.80 -5.49
CA THR A 101 -2.71 -30.54 -5.02
C THR A 101 -1.57 -29.59 -4.71
N ALA A 102 -1.91 -28.31 -4.78
CA ALA A 102 -0.93 -27.25 -4.60
C ALA A 102 -0.53 -27.18 -3.14
N SER A 103 0.79 -27.13 -2.91
CA SER A 103 1.29 -26.84 -1.58
C SER A 103 0.89 -25.42 -1.21
N PRO A 104 0.99 -25.07 0.07
CA PRO A 104 0.67 -23.70 0.47
C PRO A 104 1.51 -22.68 -0.30
N ALA A 105 2.77 -22.99 -0.53
CA ALA A 105 3.63 -22.12 -1.30
C ALA A 105 3.13 -21.91 -2.70
N VAL A 106 2.71 -22.99 -3.33
CA VAL A 106 2.24 -22.94 -4.68
C VAL A 106 0.87 -22.25 -4.76
N ILE A 107 0.06 -22.31 -3.71
CA ILE A 107 -1.23 -21.58 -3.70
C ILE A 107 -0.91 -20.10 -3.79
N ASP A 108 0.06 -19.60 -2.99
CA ASP A 108 0.40 -18.18 -3.01
C ASP A 108 0.98 -17.78 -4.35
N TYR A 109 1.85 -18.61 -4.88
CA TYR A 109 2.50 -18.38 -6.16
C TYR A 109 1.53 -18.31 -7.31
N VAL A 110 0.68 -19.32 -7.41
CA VAL A 110 -0.39 -19.30 -8.40
C VAL A 110 -1.28 -18.10 -8.25
N ASN A 111 -1.72 -17.80 -7.02
CA ASN A 111 -2.59 -16.66 -6.81
C ASN A 111 -1.98 -15.39 -7.38
N ARG A 112 -0.69 -15.15 -7.09
CA ARG A 112 -0.03 -13.97 -7.62
C ARG A 112 0.05 -13.99 -9.16
N LEU A 113 0.39 -15.13 -9.75
CA LEU A 113 0.43 -15.22 -11.22
C LEU A 113 -0.99 -14.97 -11.83
N GLU A 114 -2.02 -15.45 -11.17
CA GLU A 114 -3.40 -15.20 -11.63
C GLU A 114 -3.79 -13.72 -11.52
N GLU A 115 -3.33 -13.06 -10.44
CA GLU A 115 -3.50 -11.61 -10.32
C GLU A 115 -2.80 -10.85 -11.49
N ILE A 116 -1.58 -11.24 -11.84
CA ILE A 116 -0.81 -10.63 -12.95
C ILE A 116 -1.53 -10.87 -14.26
N ARG A 117 -2.08 -12.08 -14.42
CA ARG A 117 -2.81 -12.42 -15.66
C ARG A 117 -4.01 -11.51 -15.83
N ASP A 118 -4.83 -11.45 -14.80
CA ASP A 118 -6.10 -10.76 -14.98
C ASP A 118 -5.91 -9.24 -14.93
N ASN A 119 -4.87 -8.78 -14.25
CA ASN A 119 -4.53 -7.34 -14.31
C ASN A 119 -3.79 -7.01 -15.61
N VAL A 120 -3.35 -8.03 -16.31
CA VAL A 120 -2.47 -7.91 -17.48
C VAL A 120 -1.25 -7.01 -17.17
N ASP A 121 -0.58 -7.37 -16.09
CA ASP A 121 0.51 -6.56 -15.51
C ASP A 121 1.81 -6.92 -16.22
N GLY A 122 2.15 -6.18 -17.31
CA GLY A 122 3.29 -6.54 -18.11
C GLY A 122 4.63 -6.63 -17.34
N PRO A 123 4.98 -5.57 -16.63
CA PRO A 123 6.21 -5.57 -15.85
C PRO A 123 6.35 -6.71 -14.88
N ALA A 124 5.32 -6.95 -14.08
CA ALA A 124 5.28 -8.07 -13.14
C ALA A 124 5.48 -9.40 -13.85
N LEU A 125 4.81 -9.62 -14.97
CA LEU A 125 4.92 -10.88 -15.71
C LEU A 125 6.36 -11.05 -16.24
N VAL A 126 6.96 -10.03 -16.82
CA VAL A 126 8.40 -10.08 -17.24
C VAL A 126 9.31 -10.54 -16.12
N ALA A 127 9.12 -10.00 -14.93
CA ALA A 127 9.87 -10.49 -13.78
C ALA A 127 9.76 -11.99 -13.54
N HIS A 128 8.53 -12.50 -13.47
CA HIS A 128 8.30 -13.88 -13.26
C HIS A 128 8.86 -14.74 -14.38
N HIS A 129 8.77 -14.25 -15.60
CA HIS A 129 9.25 -14.90 -16.83
C HIS A 129 10.81 -15.09 -16.75
N TYR A 130 11.50 -14.03 -16.41
CA TYR A 130 12.93 -14.02 -16.25
C TYR A 130 13.30 -15.05 -15.13
N VAL A 131 12.62 -15.02 -13.98
CA VAL A 131 13.07 -15.83 -12.85
C VAL A 131 12.94 -17.30 -13.19
N ARG A 132 11.81 -17.70 -13.78
CA ARG A 132 11.66 -19.09 -14.15
C ARG A 132 12.46 -19.51 -15.39
N TYR A 133 12.20 -18.90 -16.54
CA TYR A 133 12.75 -19.43 -17.80
C TYR A 133 14.27 -19.28 -17.87
N LEU A 134 14.80 -18.12 -17.48
CA LEU A 134 16.27 -18.02 -17.51
C LEU A 134 16.96 -18.98 -16.54
N GLY A 135 16.31 -19.28 -15.43
CA GLY A 135 16.78 -20.31 -14.52
C GLY A 135 16.73 -21.69 -15.18
N ASP A 136 15.64 -22.01 -15.86
CA ASP A 136 15.56 -23.27 -16.61
C ASP A 136 16.66 -23.43 -17.61
N LEU A 137 17.00 -22.35 -18.26
CA LEU A 137 18.01 -22.33 -19.29
C LEU A 137 19.45 -22.25 -18.70
N SER A 138 19.52 -22.24 -17.38
CA SER A 138 20.79 -22.06 -16.64
C SER A 138 20.99 -23.21 -15.67
N GLY A 139 20.70 -22.99 -14.39
CA GLY A 139 20.76 -24.07 -13.42
C GLY A 139 19.94 -25.28 -13.79
N GLY A 140 18.82 -25.09 -14.48
CA GLY A 140 18.06 -26.27 -14.91
C GLY A 140 18.83 -27.30 -15.71
N GLN A 141 19.80 -26.86 -16.49
CA GLN A 141 20.63 -27.79 -17.24
C GLN A 141 21.46 -28.74 -16.33
N VAL A 142 21.91 -28.20 -15.20
CA VAL A 142 22.61 -28.96 -14.18
C VAL A 142 21.66 -29.90 -13.46
N ILE A 143 20.46 -29.42 -13.13
CA ILE A 143 19.42 -30.24 -12.53
C ILE A 143 19.15 -31.46 -13.39
N ALA A 144 18.93 -31.27 -14.70
CA ALA A 144 18.65 -32.38 -15.61
C ALA A 144 19.78 -33.40 -15.61
N ARG A 145 21.00 -32.88 -15.65
CA ARG A 145 22.11 -33.77 -15.67
C ARG A 145 22.19 -34.59 -14.42
N MET A 146 21.95 -33.99 -13.25
CA MET A 146 22.04 -34.71 -11.97
C MET A 146 20.88 -35.69 -11.76
N MET A 147 19.71 -35.41 -12.31
CA MET A 147 18.62 -36.36 -12.19
C MET A 147 19.01 -37.62 -12.98
N GLN A 148 19.65 -37.47 -14.13
CA GLN A 148 20.14 -38.64 -14.88
C GLN A 148 21.26 -39.33 -14.08
N ARG A 149 22.24 -38.54 -13.61
CA ARG A 149 23.43 -39.14 -12.99
C ARG A 149 23.15 -39.85 -11.67
N HIS A 150 22.50 -39.15 -10.76
CA HIS A 150 22.25 -39.70 -9.45
C HIS A 150 21.10 -40.69 -9.41
N TYR A 151 20.01 -40.44 -10.11
CA TYR A 151 18.79 -41.25 -9.96
C TYR A 151 18.37 -42.08 -11.19
N GLY A 152 19.12 -41.99 -12.27
CA GLY A 152 18.82 -42.83 -13.42
C GLY A 152 17.57 -42.39 -14.16
N VAL A 153 17.15 -41.13 -14.06
CA VAL A 153 15.95 -40.68 -14.74
C VAL A 153 16.21 -40.67 -16.24
N ASP A 154 15.26 -41.20 -16.99
CA ASP A 154 15.33 -41.27 -18.43
C ASP A 154 15.32 -39.84 -18.99
N PRO A 155 16.21 -39.54 -19.93
CA PRO A 155 16.21 -38.22 -20.55
C PRO A 155 14.88 -37.88 -21.16
N GLU A 156 14.12 -38.88 -21.57
CA GLU A 156 12.83 -38.58 -22.16
C GLU A 156 11.80 -38.10 -21.14
N ALA A 157 12.06 -38.26 -19.84
CA ALA A 157 11.26 -37.71 -18.76
C ALA A 157 11.79 -36.35 -18.25
N LEU A 158 12.73 -35.74 -18.98
CA LEU A 158 13.34 -34.46 -18.64
C LEU A 158 13.14 -33.49 -19.78
N GLY A 159 12.09 -33.69 -20.56
CA GLY A 159 11.75 -32.80 -21.68
C GLY A 159 11.64 -31.34 -21.25
N PHE A 160 11.17 -31.15 -20.01
CA PHE A 160 11.10 -29.82 -19.43
C PHE A 160 12.39 -29.03 -19.59
N TYR A 161 13.53 -29.67 -19.36
CA TYR A 161 14.85 -29.00 -19.44
C TYR A 161 15.44 -28.89 -20.85
N HIS A 162 14.86 -29.56 -21.82
CA HIS A 162 15.50 -29.64 -23.14
C HIS A 162 15.24 -28.45 -24.07
N PHE A 163 14.10 -27.76 -23.93
CA PHE A 163 13.70 -26.66 -24.84
C PHE A 163 13.85 -26.99 -26.33
N GLU A 164 13.01 -27.90 -26.77
CA GLU A 164 12.84 -28.26 -28.16
C GLU A 164 12.50 -26.99 -28.96
N GLY A 165 13.22 -26.73 -30.05
CA GLY A 165 13.02 -25.54 -30.84
C GLY A 165 14.13 -24.55 -30.67
N ILE A 166 14.91 -24.71 -29.61
CA ILE A 166 16.06 -23.84 -29.34
C ILE A 166 17.35 -24.61 -29.53
N ALA A 167 18.27 -24.02 -30.28
CA ALA A 167 19.56 -24.65 -30.51
C ALA A 167 20.52 -24.01 -29.53
N LYS A 168 21.30 -23.05 -30.01
CA LYS A 168 22.32 -22.45 -29.19
C LYS A 168 21.70 -21.67 -28.04
N LEU A 169 21.94 -22.11 -26.81
CA LEU A 169 21.35 -21.54 -25.61
C LEU A 169 22.01 -20.29 -25.01
N LYS A 170 23.35 -20.20 -25.06
CA LYS A 170 24.04 -19.02 -24.56
C LYS A 170 23.65 -17.81 -25.41
N VAL A 171 23.56 -18.05 -26.70
CA VAL A 171 23.10 -17.04 -27.65
C VAL A 171 21.66 -16.68 -27.30
N TYR A 172 20.83 -17.70 -27.06
CA TYR A 172 19.43 -17.45 -26.74
C TYR A 172 19.36 -16.60 -25.50
N LYS A 173 20.16 -16.95 -24.47
CA LYS A 173 20.16 -16.16 -23.27
C LYS A 173 20.66 -14.75 -23.49
N ASP A 174 21.68 -14.62 -24.30
CA ASP A 174 22.29 -13.30 -24.55
C ASP A 174 21.21 -12.39 -25.17
N GLU A 175 20.47 -12.95 -26.13
CA GLU A 175 19.43 -12.21 -26.85
C GLU A 175 18.28 -11.92 -25.93
N TYR A 176 18.00 -12.82 -25.00
CA TYR A 176 16.96 -12.61 -23.97
C TYR A 176 17.30 -11.35 -23.14
N ARG A 177 18.53 -11.29 -22.67
CA ARG A 177 19.00 -10.13 -21.91
C ARG A 177 18.97 -8.83 -22.74
N GLU A 178 19.26 -8.92 -24.03
CA GLU A 178 19.22 -7.73 -24.91
C GLU A 178 17.77 -7.23 -25.00
N LYS A 179 16.83 -8.17 -25.04
CA LYS A 179 15.42 -7.80 -25.12
C LYS A 179 15.00 -7.14 -23.81
N LEU A 180 15.41 -7.70 -22.66
CA LEU A 180 15.20 -7.02 -21.37
C LEU A 180 15.70 -5.58 -21.32
N ASN A 181 16.93 -5.40 -21.79
CA ASN A 181 17.58 -4.10 -21.83
C ASN A 181 16.82 -3.11 -22.72
N ASN A 182 16.14 -3.63 -23.74
CA ASN A 182 15.42 -2.80 -24.75
C ASN A 182 13.93 -2.52 -24.44
N LEU A 183 13.44 -3.10 -23.36
CA LEU A 183 12.08 -2.86 -22.96
C LEU A 183 11.92 -1.44 -22.53
N GLU A 184 10.80 -0.83 -22.89
CA GLU A 184 10.52 0.56 -22.55
C GLU A 184 9.77 0.54 -21.23
N LEU A 185 10.46 0.95 -20.18
CA LEU A 185 9.87 1.01 -18.87
C LEU A 185 10.01 2.38 -18.25
N SER A 186 8.91 2.88 -17.66
CA SER A 186 9.00 4.02 -16.75
C SER A 186 9.74 3.62 -15.47
N ASP A 187 10.20 4.62 -14.72
CA ASP A 187 10.81 4.36 -13.42
C ASP A 187 9.88 3.52 -12.49
N GLU A 188 8.59 3.82 -12.53
CA GLU A 188 7.62 3.14 -11.70
C GLU A 188 7.50 1.66 -12.14
N GLN A 189 7.46 1.41 -13.44
CA GLN A 189 7.32 0.05 -13.97
C GLN A 189 8.61 -0.74 -13.71
N ARG A 190 9.77 -0.08 -13.83
CA ARG A 190 11.04 -0.77 -13.57
C ARG A 190 11.11 -1.14 -12.11
N GLU A 191 10.77 -0.20 -11.22
CA GLU A 191 10.84 -0.50 -9.80
C GLU A 191 9.87 -1.69 -9.51
N HIS A 192 8.68 -1.68 -10.11
CA HIS A 192 7.65 -2.74 -9.92
C HIS A 192 8.17 -4.09 -10.37
N LEU A 193 8.88 -4.07 -11.49
CA LEU A 193 9.45 -5.29 -12.08
C LEU A 193 10.54 -5.87 -11.16
N LEU A 194 11.45 -5.03 -10.66
CA LEU A 194 12.51 -5.48 -9.81
C LEU A 194 11.99 -6.08 -8.52
N LYS A 195 10.99 -5.44 -7.91
CA LYS A 195 10.40 -5.91 -6.67
C LYS A 195 9.73 -7.27 -6.92
N GLU A 196 9.05 -7.39 -8.05
CA GLU A 196 8.38 -8.62 -8.39
C GLU A 196 9.37 -9.77 -8.57
N ALA A 197 10.54 -9.47 -9.12
CA ALA A 197 11.52 -10.52 -9.35
C ALA A 197 12.01 -11.07 -8.02
N THR A 198 12.21 -10.20 -7.06
CA THR A 198 12.55 -10.68 -5.73
C THR A 198 11.41 -11.56 -5.19
N ASP A 199 10.15 -11.11 -5.30
CA ASP A 199 9.04 -11.98 -4.86
C ASP A 199 9.01 -13.31 -5.57
N ALA A 200 9.35 -13.33 -6.86
CA ALA A 200 9.36 -14.60 -7.59
C ALA A 200 10.34 -15.58 -6.98
N PHE A 201 11.51 -15.12 -6.61
CA PHE A 201 12.47 -15.97 -6.00
C PHE A 201 12.02 -16.40 -4.58
N VAL A 202 11.34 -15.48 -3.90
CA VAL A 202 10.75 -15.79 -2.59
C VAL A 202 9.73 -16.91 -2.70
N PHE A 203 8.82 -16.84 -3.67
CA PHE A 203 7.86 -17.94 -3.86
C PHE A 203 8.58 -19.24 -4.14
N ASN A 204 9.56 -19.19 -5.02
CA ASN A 204 10.30 -20.41 -5.38
C ASN A 204 11.08 -21.04 -4.22
N HIS A 205 11.67 -20.23 -3.36
CA HIS A 205 12.31 -20.80 -2.19
C HIS A 205 11.27 -21.50 -1.27
N GLN A 206 10.08 -20.88 -1.12
CA GLN A 206 9.06 -21.47 -0.26
C GLN A 206 8.50 -22.75 -0.89
N VAL A 207 8.47 -22.87 -2.22
CA VAL A 207 8.09 -24.13 -2.85
C VAL A 207 9.03 -25.28 -2.37
N PHE A 208 10.33 -24.98 -2.37
CA PHE A 208 11.35 -25.92 -1.88
C PHE A 208 11.19 -26.19 -0.41
N ALA A 209 10.93 -25.15 0.38
CA ALA A 209 10.73 -25.39 1.82
C ALA A 209 9.54 -26.32 2.11
N ASP A 210 8.43 -26.09 1.44
CA ASP A 210 7.24 -26.90 1.64
C ASP A 210 7.46 -28.35 1.10
N LEU A 211 8.18 -28.52 0.00
CA LEU A 211 8.57 -29.86 -0.41
C LEU A 211 9.44 -30.54 0.64
N GLY A 212 10.27 -29.75 1.32
CA GLY A 212 11.11 -30.27 2.36
C GLY A 212 10.39 -30.78 3.59
N LYS A 213 9.22 -30.23 3.86
CA LYS A 213 8.41 -30.61 5.05
C LYS A 213 7.64 -31.95 4.89
N GLY A 214 7.14 -32.20 3.68
CA GLY A 214 6.30 -33.36 3.36
C GLY A 214 5.11 -33.02 2.44
N GLY B 7 -5.45 -24.28 20.84
CA GLY B 7 -4.83 -22.95 20.76
C GLY B 7 -5.86 -21.86 20.51
N LEU B 8 -5.50 -20.64 20.88
CA LEU B 8 -6.34 -19.47 20.65
C LEU B 8 -6.70 -19.27 19.19
N ALA B 9 -5.78 -19.52 18.28
CA ALA B 9 -6.12 -19.27 16.84
C ALA B 9 -7.29 -20.14 16.40
N VAL B 10 -7.28 -21.39 16.83
CA VAL B 10 -8.33 -22.34 16.44
C VAL B 10 -9.64 -21.96 17.12
N GLU B 11 -9.56 -21.57 18.38
CA GLU B 11 -10.74 -21.22 19.11
C GLU B 11 -11.34 -19.97 18.57
N LEU B 12 -10.52 -18.99 18.12
CA LEU B 12 -11.05 -17.78 17.49
C LEU B 12 -11.79 -18.14 16.24
N LYS B 13 -11.20 -18.98 15.40
CA LYS B 13 -11.84 -19.32 14.16
C LYS B 13 -13.18 -20.00 14.40
N GLN B 14 -13.16 -21.01 15.24
CA GLN B 14 -14.35 -21.79 15.53
C GLN B 14 -15.44 -20.98 16.22
N SER B 15 -15.08 -20.13 17.15
CA SER B 15 -16.12 -19.46 17.92
C SER B 15 -16.74 -18.31 17.11
N THR B 16 -16.07 -17.87 16.03
CA THR B 16 -16.62 -16.85 15.14
C THR B 16 -17.11 -17.36 13.79
N ALA B 17 -17.03 -18.66 13.58
CA ALA B 17 -17.37 -19.22 12.31
C ALA B 17 -18.80 -18.89 11.90
N GLN B 18 -19.76 -19.02 12.82
CA GLN B 18 -21.19 -18.81 12.46
C GLN B 18 -21.38 -17.33 12.05
N ALA B 19 -20.71 -16.44 12.78
CA ALA B 19 -20.78 -14.99 12.55
C ALA B 19 -20.11 -14.61 11.23
N HIS B 20 -19.03 -15.31 10.88
CA HIS B 20 -18.40 -15.13 9.57
C HIS B 20 -19.33 -15.51 8.41
N GLU B 21 -20.01 -16.64 8.51
CA GLU B 21 -20.94 -17.06 7.49
C GLU B 21 -22.08 -16.03 7.28
N LYS B 22 -22.61 -15.54 8.39
CA LYS B 22 -23.70 -14.56 8.38
C LYS B 22 -23.27 -13.20 7.76
N ALA B 23 -22.05 -12.78 8.04
CA ALA B 23 -21.50 -11.57 7.43
C ALA B 23 -21.28 -11.75 5.91
N GLU B 24 -20.52 -12.79 5.55
CA GLU B 24 -20.24 -13.12 4.15
C GLU B 24 -21.51 -13.24 3.34
N HIS B 25 -22.54 -13.85 3.91
CA HIS B 25 -23.80 -14.13 3.20
C HIS B 25 -24.93 -13.12 3.47
N SER B 26 -24.59 -11.99 4.08
CA SER B 26 -25.49 -10.85 4.21
C SER B 26 -25.97 -10.43 2.84
N THR B 27 -27.13 -9.81 2.75
CA THR B 27 -27.75 -9.43 1.48
C THR B 27 -26.79 -8.43 0.77
N PHE B 28 -26.28 -7.46 1.53
CA PHE B 28 -25.39 -6.48 0.95
C PHE B 28 -24.10 -7.04 0.41
N MET B 29 -23.35 -7.78 1.18
CA MET B 29 -22.12 -8.28 0.71
C MET B 29 -22.30 -9.35 -0.40
N SER B 30 -23.31 -10.20 -0.30
CA SER B 30 -23.49 -11.17 -1.38
C SER B 30 -23.86 -10.43 -2.70
N ASP B 31 -24.72 -9.43 -2.62
CA ASP B 31 -25.07 -8.66 -3.82
C ASP B 31 -23.80 -8.00 -4.39
N LEU B 32 -22.97 -7.44 -3.51
CA LEU B 32 -21.77 -6.70 -3.96
C LEU B 32 -20.82 -7.65 -4.64
N LEU B 33 -20.49 -8.73 -3.97
CA LEU B 33 -19.60 -9.72 -4.52
C LEU B 33 -20.11 -10.47 -5.75
N LYS B 34 -21.42 -10.59 -5.94
CA LYS B 34 -21.94 -11.21 -7.14
C LYS B 34 -22.22 -10.21 -8.29
N GLY B 35 -21.85 -8.96 -8.09
CA GLY B 35 -21.88 -8.01 -9.19
C GLY B 35 -23.23 -7.37 -9.39
N ARG B 36 -24.11 -7.42 -8.38
CA ARG B 36 -25.46 -6.92 -8.47
C ARG B 36 -25.60 -5.45 -8.13
N LEU B 37 -24.57 -4.91 -7.54
CA LEU B 37 -24.53 -3.49 -7.18
C LEU B 37 -23.62 -2.70 -8.14
N GLY B 38 -22.64 -1.95 -7.61
CA GLY B 38 -21.83 -1.10 -8.47
C GLY B 38 -20.68 -0.49 -7.72
N VAL B 39 -19.85 0.21 -8.47
CA VAL B 39 -18.69 0.90 -7.89
C VAL B 39 -19.16 1.86 -6.79
N ALA B 40 -20.33 2.48 -6.92
CA ALA B 40 -20.79 3.42 -5.89
C ALA B 40 -20.84 2.72 -4.54
N GLU B 41 -21.44 1.52 -4.49
CA GLU B 41 -21.63 0.80 -3.22
C GLU B 41 -20.31 0.29 -2.66
N PHE B 42 -19.45 -0.21 -3.53
CA PHE B 42 -18.10 -0.52 -3.09
C PHE B 42 -17.40 0.70 -2.50
N THR B 43 -17.52 1.84 -3.15
CA THR B 43 -16.86 3.04 -2.63
C THR B 43 -17.39 3.39 -1.26
N ARG B 44 -18.71 3.31 -1.08
CA ARG B 44 -19.34 3.63 0.22
C ARG B 44 -18.82 2.69 1.30
N LEU B 45 -18.64 1.42 0.96
CA LEU B 45 -18.01 0.46 1.89
C LEU B 45 -16.61 0.89 2.28
N GLN B 46 -15.78 1.31 1.32
CA GLN B 46 -14.41 1.73 1.62
C GLN B 46 -14.33 3.09 2.39
N GLU B 47 -15.26 4.00 2.16
CA GLU B 47 -15.39 5.17 3.03
C GLU B 47 -15.63 4.80 4.49
N GLN B 48 -16.56 3.88 4.73
CA GLN B 48 -16.85 3.50 6.11
C GLN B 48 -15.59 2.81 6.70
N ALA B 49 -14.92 2.00 5.89
CA ALA B 49 -13.75 1.29 6.35
C ALA B 49 -12.62 2.28 6.69
N TRP B 50 -12.46 3.34 5.92
CA TRP B 50 -11.48 4.37 6.29
C TRP B 50 -11.76 4.87 7.72
N LEU B 51 -13.03 5.19 8.00
CA LEU B 51 -13.41 5.64 9.33
C LEU B 51 -13.08 4.66 10.48
N PHE B 52 -13.45 3.41 10.32
CA PHE B 52 -13.18 2.45 11.34
C PHE B 52 -11.74 1.93 11.41
N TYR B 53 -11.06 1.82 10.28
CA TYR B 53 -9.64 1.47 10.32
C TYR B 53 -8.81 2.57 10.97
N THR B 54 -9.19 3.84 10.77
CA THR B 54 -8.53 4.96 11.42
C THR B 54 -8.61 4.74 12.95
N ALA B 55 -9.81 4.50 13.47
CA ALA B 55 -9.98 4.27 14.89
C ALA B 55 -9.29 2.97 15.35
N LEU B 56 -9.47 1.91 14.58
CA LEU B 56 -8.76 0.66 14.88
C LEU B 56 -7.26 0.88 15.07
N GLU B 57 -6.65 1.58 14.14
CA GLU B 57 -5.22 1.74 14.16
C GLU B 57 -4.72 2.65 15.26
N GLN B 58 -5.54 3.61 15.67
CA GLN B 58 -5.22 4.41 16.85
C GLN B 58 -5.21 3.51 18.14
N ALA B 59 -6.18 2.60 18.21
CA ALA B 59 -6.21 1.63 19.29
C ALA B 59 -5.03 0.67 19.23
N VAL B 60 -4.69 0.17 18.02
CA VAL B 60 -3.54 -0.69 17.89
C VAL B 60 -2.28 0.06 18.39
N ASP B 61 -2.08 1.31 17.98
CA ASP B 61 -0.92 2.08 18.38
C ASP B 61 -0.83 2.25 19.92
N ALA B 62 -1.94 2.56 20.56
CA ALA B 62 -1.93 2.65 22.02
C ALA B 62 -1.56 1.31 22.66
N VAL B 63 -2.15 0.21 22.20
CA VAL B 63 -1.92 -1.07 22.81
C VAL B 63 -0.45 -1.50 22.57
N ARG B 64 0.03 -1.28 21.37
CA ARG B 64 1.44 -1.54 21.10
C ARG B 64 2.32 -0.74 22.03
N ALA B 65 1.98 0.53 22.27
CA ALA B 65 2.85 1.37 23.11
C ALA B 65 2.84 0.88 24.56
N SER B 66 1.83 0.11 24.97
CA SER B 66 1.79 -0.46 26.33
C SER B 66 2.60 -1.75 26.48
N GLY B 67 3.18 -2.23 25.36
CA GLY B 67 3.93 -3.46 25.29
C GLY B 67 3.18 -4.76 25.30
N PHE B 68 1.93 -4.76 24.89
CA PHE B 68 1.07 -5.95 24.79
C PHE B 68 0.98 -6.41 23.36
N ALA B 69 1.23 -7.71 23.14
CA ALA B 69 1.12 -8.33 21.79
C ALA B 69 1.95 -7.63 20.74
N GLU B 70 3.15 -7.17 21.08
CA GLU B 70 3.83 -6.28 20.15
C GLU B 70 4.09 -6.96 18.83
N SER B 71 4.56 -8.19 18.85
CA SER B 71 4.96 -8.83 17.60
C SER B 71 3.75 -9.06 16.68
N LEU B 72 2.58 -9.22 17.26
CA LEU B 72 1.34 -9.39 16.47
C LEU B 72 0.99 -8.11 15.74
N LEU B 73 1.17 -7.00 16.43
CA LEU B 73 0.71 -5.71 15.97
C LEU B 73 1.71 -5.09 14.99
N ASP B 74 1.90 -5.82 13.90
CA ASP B 74 2.82 -5.45 12.84
C ASP B 74 2.35 -4.14 12.11
N PRO B 75 3.10 -3.05 12.17
CA PRO B 75 2.63 -1.82 11.52
C PRO B 75 2.52 -1.96 10.02
N ALA B 76 3.15 -2.97 9.38
CA ALA B 76 2.99 -3.21 7.92
C ALA B 76 1.52 -3.51 7.52
N LEU B 77 0.73 -3.95 8.52
CA LEU B 77 -0.69 -4.17 8.33
C LEU B 77 -1.53 -2.90 8.16
N ASN B 78 -1.07 -1.76 8.67
CA ASN B 78 -1.86 -0.53 8.63
C ASN B 78 -2.50 -0.29 7.26
N ARG B 79 -3.79 -0.07 7.28
CA ARG B 79 -4.64 0.13 6.13
C ARG B 79 -5.19 1.54 5.98
N ALA B 80 -5.25 2.35 7.03
CA ALA B 80 -5.96 3.65 6.88
C ALA B 80 -5.43 4.59 5.76
N GLU B 81 -4.12 4.81 5.72
CA GLU B 81 -3.57 5.65 4.70
C GLU B 81 -3.69 5.09 3.28
N VAL B 82 -3.60 3.76 3.14
CA VAL B 82 -3.87 3.07 1.89
C VAL B 82 -5.32 3.28 1.41
N LEU B 83 -6.29 3.13 2.32
CA LEU B 83 -7.69 3.37 2.00
C LEU B 83 -7.90 4.79 1.50
N ALA B 84 -7.26 5.76 2.14
CA ALA B 84 -7.48 7.14 1.72
C ALA B 84 -7.00 7.33 0.28
N ARG B 85 -5.89 6.67 -0.06
CA ARG B 85 -5.35 6.73 -1.42
C ARG B 85 -6.28 6.05 -2.36
N ASP B 86 -6.84 4.93 -1.98
CA ASP B 86 -7.82 4.22 -2.86
C ASP B 86 -9.07 5.11 -3.10
N LEU B 87 -9.47 5.81 -2.04
CA LEU B 87 -10.64 6.68 -2.11
C LEU B 87 -10.30 7.90 -3.03
N ASP B 88 -9.08 8.40 -2.95
CA ASP B 88 -8.62 9.50 -3.83
C ASP B 88 -8.73 9.01 -5.29
N LYS B 89 -8.39 7.75 -5.51
CA LYS B 89 -8.48 7.20 -6.88
C LYS B 89 -9.89 6.90 -7.29
N LEU B 90 -10.72 6.29 -6.43
CA LEU B 90 -12.11 5.94 -6.75
C LEU B 90 -12.99 7.20 -6.99
N ASN B 91 -12.74 8.28 -6.21
CA ASN B 91 -13.46 9.58 -6.33
C ASN B 91 -12.66 10.66 -7.23
N GLY B 92 -11.45 10.35 -7.72
CA GLY B 92 -10.61 11.29 -8.47
C GLY B 92 -10.05 12.57 -7.80
N SER B 93 -10.42 12.78 -6.54
CA SER B 93 -10.12 14.03 -5.83
C SER B 93 -10.04 13.72 -4.33
N SER B 94 -9.40 14.61 -3.55
CA SER B 94 -9.41 14.53 -2.09
C SER B 94 -10.75 14.84 -1.44
N GLU B 95 -11.77 15.22 -2.20
CA GLU B 95 -12.96 15.87 -1.62
C GLU B 95 -14.02 15.00 -0.91
N TRP B 96 -13.96 13.68 -1.10
CA TRP B 96 -14.82 12.79 -0.36
C TRP B 96 -14.65 13.06 1.16
N ARG B 97 -13.53 13.65 1.55
CA ARG B 97 -13.22 13.92 2.95
C ARG B 97 -14.24 14.89 3.56
N SER B 98 -14.84 15.72 2.73
CA SER B 98 -15.88 16.66 3.16
C SER B 98 -17.30 16.12 3.07
N ARG B 99 -17.51 14.91 2.52
CA ARG B 99 -18.87 14.43 2.33
C ARG B 99 -19.19 13.29 3.36
N ILE B 100 -18.21 12.55 3.74
CA ILE B 100 -18.51 11.29 4.40
C ILE B 100 -18.87 11.39 5.85
N THR B 101 -19.64 10.40 6.36
CA THR B 101 -19.94 10.39 7.78
C THR B 101 -20.18 8.93 8.15
N ALA B 102 -19.82 8.58 9.36
CA ALA B 102 -20.01 7.23 9.84
C ALA B 102 -21.50 6.88 9.84
N SER B 103 -21.85 5.72 9.32
CA SER B 103 -23.22 5.20 9.43
C SER B 103 -23.50 4.85 10.90
N PRO B 104 -24.74 4.60 11.25
CA PRO B 104 -25.05 4.23 12.62
C PRO B 104 -24.23 3.08 13.15
N ALA B 105 -24.02 2.03 12.35
CA ALA B 105 -23.19 0.90 12.80
C ALA B 105 -21.74 1.29 13.02
N VAL B 106 -21.20 2.13 12.14
CA VAL B 106 -19.83 2.58 12.27
C VAL B 106 -19.62 3.50 13.45
N ILE B 107 -20.63 4.30 13.81
CA ILE B 107 -20.60 5.10 15.06
C ILE B 107 -20.35 4.17 16.23
N ASP B 108 -21.09 3.06 16.24
CA ASP B 108 -21.02 2.14 17.38
C ASP B 108 -19.63 1.50 17.38
N TYR B 109 -19.20 1.07 16.23
CA TYR B 109 -17.92 0.41 16.02
C TYR B 109 -16.75 1.32 16.43
N VAL B 110 -16.73 2.56 15.93
CA VAL B 110 -15.71 3.53 16.29
C VAL B 110 -15.74 3.83 17.81
N ASN B 111 -16.96 3.92 18.39
CA ASN B 111 -17.09 4.20 19.81
C ASN B 111 -16.40 3.10 20.63
N ARG B 112 -16.58 1.85 20.21
CA ARG B 112 -15.97 0.73 20.96
C ARG B 112 -14.43 0.77 20.76
N LEU B 113 -14.00 1.03 19.55
CA LEU B 113 -12.54 1.06 19.29
C LEU B 113 -11.88 2.15 20.11
N GLU B 114 -12.58 3.29 20.27
CA GLU B 114 -12.03 4.41 21.01
C GLU B 114 -12.02 4.11 22.47
N GLU B 115 -13.02 3.34 22.95
CA GLU B 115 -13.03 2.90 24.33
C GLU B 115 -11.83 1.94 24.60
N ILE B 116 -11.57 1.04 23.65
CA ILE B 116 -10.42 0.11 23.72
C ILE B 116 -9.10 0.91 23.81
N ARG B 117 -8.99 1.95 23.00
CA ARG B 117 -7.81 2.81 23.00
C ARG B 117 -7.66 3.50 24.37
N ASP B 118 -8.74 4.12 24.79
CA ASP B 118 -8.71 4.94 26.04
C ASP B 118 -8.44 4.05 27.26
N ASN B 119 -9.02 2.86 27.23
CA ASN B 119 -8.81 1.92 28.32
C ASN B 119 -7.55 1.11 28.16
N VAL B 120 -6.95 1.14 27.00
CA VAL B 120 -5.76 0.29 26.66
C VAL B 120 -6.03 -1.20 26.95
N ASP B 121 -7.12 -1.66 26.35
CA ASP B 121 -7.59 -3.02 26.56
C ASP B 121 -6.96 -3.95 25.53
N GLY B 122 -5.80 -4.52 25.90
CA GLY B 122 -5.01 -5.27 24.96
C GLY B 122 -5.74 -6.48 24.36
N PRO B 123 -6.26 -7.33 25.22
CA PRO B 123 -7.06 -8.47 24.74
C PRO B 123 -8.20 -8.10 23.78
N ALA B 124 -8.97 -7.06 24.11
CA ALA B 124 -10.03 -6.63 23.24
C ALA B 124 -9.48 -6.16 21.89
N LEU B 125 -8.40 -5.41 21.93
CA LEU B 125 -7.81 -4.92 20.71
C LEU B 125 -7.34 -6.09 19.82
N VAL B 126 -6.70 -7.10 20.42
CA VAL B 126 -6.30 -8.31 19.65
C VAL B 126 -7.47 -8.98 18.92
N ALA B 127 -8.61 -9.11 19.57
CA ALA B 127 -9.80 -9.64 18.93
C ALA B 127 -10.14 -8.83 17.67
N HIS B 128 -10.17 -7.49 17.79
CA HIS B 128 -10.59 -6.67 16.67
C HIS B 128 -9.53 -6.73 15.51
N HIS B 129 -8.27 -6.85 15.89
CA HIS B 129 -7.07 -6.98 15.01
C HIS B 129 -7.25 -8.27 14.19
N TYR B 130 -7.57 -9.35 14.87
CA TYR B 130 -7.81 -10.66 14.21
C TYR B 130 -8.96 -10.55 13.19
N VAL B 131 -10.08 -10.03 13.71
CA VAL B 131 -11.30 -9.97 12.90
C VAL B 131 -11.08 -9.17 11.59
N ARG B 132 -10.45 -8.02 11.65
CA ARG B 132 -10.24 -7.27 10.45
C ARG B 132 -9.03 -7.79 9.63
N TYR B 133 -7.83 -7.79 10.21
CA TYR B 133 -6.62 -8.04 9.39
C TYR B 133 -6.48 -9.47 8.89
N LEU B 134 -6.88 -10.46 9.69
CA LEU B 134 -6.80 -11.83 9.17
C LEU B 134 -7.82 -12.06 8.11
N GLY B 135 -8.99 -11.40 8.20
CA GLY B 135 -9.93 -11.34 7.09
C GLY B 135 -9.39 -10.71 5.81
N ASP B 136 -8.72 -9.57 5.96
CA ASP B 136 -8.17 -8.87 4.81
C ASP B 136 -7.15 -9.75 4.08
N LEU B 137 -6.39 -10.48 4.88
CA LEU B 137 -5.31 -11.38 4.39
C LEU B 137 -5.88 -12.65 3.76
N SER B 138 -7.19 -12.90 4.00
CA SER B 138 -7.91 -14.07 3.46
C SER B 138 -9.00 -13.69 2.46
N GLY B 139 -10.23 -13.54 2.93
CA GLY B 139 -11.35 -13.20 2.08
C GLY B 139 -11.24 -11.91 1.31
N GLY B 140 -10.63 -10.87 1.93
CA GLY B 140 -10.28 -9.65 1.19
C GLY B 140 -9.61 -9.87 -0.14
N GLN B 141 -8.78 -10.89 -0.23
CA GLN B 141 -8.11 -11.17 -1.53
C GLN B 141 -9.13 -11.55 -2.68
N VAL B 142 -10.18 -12.23 -2.27
CA VAL B 142 -11.23 -12.68 -3.19
C VAL B 142 -12.07 -11.50 -3.49
N ILE B 143 -12.33 -10.69 -2.47
CA ILE B 143 -13.13 -9.50 -2.67
C ILE B 143 -12.51 -8.60 -3.74
N ALA B 144 -11.20 -8.35 -3.70
CA ALA B 144 -10.61 -7.46 -4.66
C ALA B 144 -10.79 -7.96 -6.10
N ARG B 145 -10.63 -9.26 -6.30
CA ARG B 145 -10.75 -9.86 -7.63
C ARG B 145 -12.22 -9.67 -8.14
N MET B 146 -13.17 -9.83 -7.24
CA MET B 146 -14.60 -9.60 -7.59
C MET B 146 -14.93 -8.15 -7.97
N MET B 147 -14.36 -7.17 -7.28
CA MET B 147 -14.57 -5.78 -7.63
C MET B 147 -13.95 -5.44 -8.99
N GLN B 148 -12.80 -6.05 -9.28
CA GLN B 148 -12.21 -5.85 -10.58
C GLN B 148 -13.07 -6.43 -11.69
N ARG B 149 -13.48 -7.68 -11.50
CA ARG B 149 -14.21 -8.41 -12.53
C ARG B 149 -15.59 -7.81 -12.75
N HIS B 150 -16.37 -7.65 -11.68
CA HIS B 150 -17.73 -7.13 -11.83
C HIS B 150 -17.86 -5.69 -12.20
N TYR B 151 -17.00 -4.84 -11.62
CA TYR B 151 -17.23 -3.40 -11.75
C TYR B 151 -16.10 -2.71 -12.50
N GLY B 152 -15.10 -3.47 -12.94
CA GLY B 152 -13.95 -2.88 -13.63
C GLY B 152 -13.07 -1.97 -12.80
N VAL B 153 -13.12 -2.08 -11.46
CA VAL B 153 -12.29 -1.25 -10.61
C VAL B 153 -10.82 -1.56 -10.93
N ASP B 154 -10.01 -0.53 -11.02
CA ASP B 154 -8.63 -0.69 -11.34
C ASP B 154 -7.80 -1.10 -10.14
N PRO B 155 -6.76 -1.89 -10.37
CA PRO B 155 -5.90 -2.31 -9.25
C PRO B 155 -5.38 -1.21 -8.39
N GLU B 156 -5.21 -0.04 -8.96
CA GLU B 156 -4.68 1.09 -8.20
C GLU B 156 -5.66 1.63 -7.15
N ALA B 157 -6.91 1.26 -7.25
CA ALA B 157 -7.93 1.64 -6.31
C ALA B 157 -8.31 0.51 -5.35
N LEU B 158 -7.54 -0.58 -5.37
CA LEU B 158 -7.74 -1.71 -4.48
C LEU B 158 -6.46 -1.99 -3.67
N GLY B 159 -5.67 -0.93 -3.42
CA GLY B 159 -4.49 -0.99 -2.57
C GLY B 159 -4.78 -1.58 -1.20
N PHE B 160 -5.99 -1.34 -0.69
CA PHE B 160 -6.43 -1.87 0.57
C PHE B 160 -6.19 -3.39 0.71
N TYR B 161 -6.45 -4.11 -0.37
CA TYR B 161 -6.40 -5.54 -0.39
C TYR B 161 -5.01 -6.11 -0.67
N HIS B 162 -4.08 -5.24 -0.96
CA HIS B 162 -2.70 -5.60 -1.26
C HIS B 162 -1.81 -5.22 -0.11
N PHE B 163 -1.07 -6.18 0.43
CA PHE B 163 -0.13 -5.90 1.52
C PHE B 163 1.30 -5.87 1.03
N GLU B 164 1.82 -4.64 0.93
CA GLU B 164 3.19 -4.41 0.41
C GLU B 164 4.15 -5.08 1.38
N GLY B 165 5.08 -5.80 0.82
CA GLY B 165 6.02 -6.53 1.68
C GLY B 165 5.46 -7.73 2.43
N ILE B 166 4.24 -8.18 2.10
CA ILE B 166 3.81 -9.54 2.46
C ILE B 166 3.53 -10.33 1.18
N ALA B 167 4.52 -11.01 0.63
CA ALA B 167 4.29 -11.85 -0.55
C ALA B 167 3.70 -13.21 -0.21
N LYS B 168 4.21 -13.84 0.83
CA LYS B 168 3.81 -15.20 1.15
C LYS B 168 2.69 -15.10 2.16
N LEU B 169 1.49 -14.89 1.71
CA LEU B 169 0.35 -14.78 2.62
C LEU B 169 0.10 -15.98 3.52
N LYS B 170 0.38 -17.17 3.02
CA LYS B 170 0.23 -18.42 3.80
C LYS B 170 1.18 -18.44 4.97
N VAL B 171 2.44 -18.06 4.74
CA VAL B 171 3.42 -18.05 5.81
C VAL B 171 3.08 -16.95 6.81
N TYR B 172 2.76 -15.76 6.34
CA TYR B 172 2.36 -14.71 7.23
C TYR B 172 1.17 -15.12 8.11
N LYS B 173 0.16 -15.74 7.54
CA LYS B 173 -1.01 -16.14 8.33
C LYS B 173 -0.65 -17.20 9.36
N ASP B 174 0.21 -18.14 8.98
CA ASP B 174 0.66 -19.13 9.91
C ASP B 174 1.42 -18.51 11.06
N GLU B 175 2.34 -17.60 10.75
CA GLU B 175 3.06 -16.91 11.80
C GLU B 175 2.14 -16.10 12.71
N TYR B 176 1.12 -15.47 12.12
CA TYR B 176 0.10 -14.68 12.86
C TYR B 176 -0.63 -15.61 13.83
N ARG B 177 -1.05 -16.78 13.36
CA ARG B 177 -1.72 -17.79 14.21
C ARG B 177 -0.84 -18.27 15.33
N GLU B 178 0.41 -18.56 15.01
CA GLU B 178 1.41 -18.85 16.03
C GLU B 178 1.56 -17.76 17.11
N LYS B 179 1.55 -16.51 16.70
CA LYS B 179 1.66 -15.41 17.62
C LYS B 179 0.42 -15.37 18.55
N LEU B 180 -0.78 -15.67 18.00
CA LEU B 180 -1.99 -15.74 18.80
C LEU B 180 -1.86 -16.85 19.78
N ASN B 181 -1.41 -18.01 19.33
CA ASN B 181 -1.25 -19.16 20.22
C ASN B 181 -0.26 -18.90 21.32
N ASN B 182 0.75 -18.07 21.07
CA ASN B 182 1.83 -17.82 22.06
C ASN B 182 1.59 -16.62 22.95
N LEU B 183 0.45 -15.97 22.75
CA LEU B 183 0.08 -14.86 23.62
C LEU B 183 -0.26 -15.41 25.01
N GLU B 184 0.39 -14.90 26.03
CA GLU B 184 0.13 -15.39 27.39
C GLU B 184 -1.10 -14.62 27.84
N LEU B 185 -2.16 -15.35 28.10
CA LEU B 185 -3.45 -14.77 28.46
C LEU B 185 -3.95 -15.52 29.71
N SER B 186 -4.41 -14.78 30.71
CA SER B 186 -5.09 -15.41 31.80
C SER B 186 -6.46 -15.86 31.32
N ASP B 187 -7.12 -16.69 32.12
CA ASP B 187 -8.47 -17.15 31.79
C ASP B 187 -9.43 -16.01 31.50
N GLU B 188 -9.41 -14.97 32.34
CA GLU B 188 -10.31 -13.85 32.16
C GLU B 188 -9.98 -13.10 30.90
N GLN B 189 -8.68 -12.95 30.61
CA GLN B 189 -8.23 -12.19 29.44
C GLN B 189 -8.69 -12.92 28.21
N ARG B 190 -8.52 -14.25 28.22
CA ARG B 190 -8.96 -15.07 27.08
C ARG B 190 -10.46 -14.95 26.83
N GLU B 191 -11.26 -15.01 27.87
CA GLU B 191 -12.70 -15.00 27.72
C GLU B 191 -13.16 -13.67 27.22
N HIS B 192 -12.49 -12.59 27.68
CA HIS B 192 -12.85 -11.27 27.26
C HIS B 192 -12.53 -11.05 25.82
N LEU B 193 -11.38 -11.58 25.41
CA LEU B 193 -10.92 -11.54 24.03
C LEU B 193 -11.95 -12.28 23.15
N LEU B 194 -12.37 -13.48 23.56
CA LEU B 194 -13.22 -14.28 22.71
C LEU B 194 -14.59 -13.62 22.54
N LYS B 195 -15.12 -13.06 23.60
CA LYS B 195 -16.35 -12.31 23.55
C LYS B 195 -16.23 -11.10 22.63
N GLU B 196 -15.10 -10.38 22.74
CA GLU B 196 -14.92 -9.22 21.89
C GLU B 196 -14.85 -9.58 20.42
N ALA B 197 -14.27 -10.72 20.11
CA ALA B 197 -14.22 -11.13 18.69
C ALA B 197 -15.61 -11.36 18.12
N THR B 198 -16.53 -11.92 18.90
CA THR B 198 -17.93 -12.03 18.51
C THR B 198 -18.59 -10.65 18.30
N ASP B 199 -18.33 -9.69 19.22
CA ASP B 199 -18.85 -8.36 19.08
C ASP B 199 -18.27 -7.64 17.85
N ALA B 200 -17.00 -7.90 17.51
CA ALA B 200 -16.39 -7.26 16.35
C ALA B 200 -17.06 -7.77 15.07
N PHE B 201 -17.36 -9.06 15.02
CA PHE B 201 -18.11 -9.59 13.86
C PHE B 201 -19.51 -8.99 13.76
N VAL B 202 -20.21 -8.82 14.87
CA VAL B 202 -21.52 -8.18 14.84
C VAL B 202 -21.42 -6.73 14.35
N PHE B 203 -20.42 -5.97 14.80
CA PHE B 203 -20.22 -4.63 14.28
C PHE B 203 -20.09 -4.65 12.76
N ASN B 204 -19.26 -5.55 12.26
CA ASN B 204 -19.04 -5.64 10.84
C ASN B 204 -20.28 -6.06 10.04
N HIS B 205 -21.08 -7.00 10.58
CA HIS B 205 -22.30 -7.40 9.93
C HIS B 205 -23.24 -6.18 9.85
N GLN B 206 -23.27 -5.38 10.90
CA GLN B 206 -24.15 -4.19 10.96
C GLN B 206 -23.69 -3.09 9.98
N VAL B 207 -22.39 -3.01 9.68
CA VAL B 207 -21.90 -2.10 8.66
C VAL B 207 -22.53 -2.48 7.33
N PHE B 208 -22.55 -3.78 7.06
CA PHE B 208 -23.13 -4.24 5.83
C PHE B 208 -24.65 -3.97 5.78
N ALA B 209 -25.33 -4.25 6.88
CA ALA B 209 -26.75 -4.02 6.99
C ALA B 209 -27.11 -2.56 6.72
N ASP B 210 -26.35 -1.64 7.31
CA ASP B 210 -26.55 -0.22 7.00
C ASP B 210 -26.34 0.13 5.52
N LEU B 211 -25.29 -0.40 4.93
CA LEU B 211 -25.00 -0.10 3.55
C LEU B 211 -26.14 -0.63 2.68
N GLY B 212 -26.76 -1.76 3.08
CA GLY B 212 -27.92 -2.29 2.35
C GLY B 212 -29.18 -1.47 2.52
N LYS B 213 -29.27 -0.71 3.59
CA LYS B 213 -30.41 0.18 3.83
C LYS B 213 -30.18 1.61 3.32
N GLY B 214 -29.17 1.75 2.46
CA GLY B 214 -28.87 3.03 1.86
C GLY B 214 -28.23 4.03 2.78
N LEU B 215 -27.72 3.55 3.91
CA LEU B 215 -27.03 4.40 4.84
C LEU B 215 -25.53 4.34 4.60
N ALA C 6 16.78 40.22 -9.01
CA ALA C 6 16.97 39.83 -7.57
C ALA C 6 17.04 38.29 -7.49
N GLY C 7 17.49 37.72 -6.36
CA GLY C 7 17.30 36.29 -6.15
C GLY C 7 15.82 36.01 -6.01
N LEU C 8 15.37 34.80 -6.36
CA LEU C 8 13.95 34.49 -6.30
C LEU C 8 13.41 34.61 -4.85
N ALA C 9 14.18 34.17 -3.86
CA ALA C 9 13.74 34.28 -2.49
C ALA C 9 13.38 35.74 -2.12
N VAL C 10 14.20 36.68 -2.56
CA VAL C 10 13.97 38.09 -2.31
C VAL C 10 12.77 38.60 -3.08
N GLU C 11 12.65 38.28 -4.37
CA GLU C 11 11.51 38.78 -5.14
C GLU C 11 10.18 38.16 -4.63
N LEU C 12 10.20 36.92 -4.15
CA LEU C 12 9.02 36.33 -3.54
C LEU C 12 8.60 37.15 -2.32
N LYS C 13 9.55 37.48 -1.45
CA LYS C 13 9.20 38.21 -0.23
C LYS C 13 8.66 39.61 -0.55
N GLN C 14 9.37 40.33 -1.40
CA GLN C 14 8.98 41.68 -1.78
C GLN C 14 7.61 41.69 -2.48
N SER C 15 7.42 40.80 -3.44
CA SER C 15 6.19 40.78 -4.25
C SER C 15 4.92 40.31 -3.45
N THR C 16 5.13 39.65 -2.30
CA THR C 16 4.03 39.23 -1.43
C THR C 16 3.99 39.92 -0.05
N ALA C 17 4.81 40.94 0.16
CA ALA C 17 4.91 41.59 1.46
C ALA C 17 3.61 42.20 1.91
N GLN C 18 2.91 42.85 0.98
CA GLN C 18 1.65 43.53 1.28
C GLN C 18 0.57 42.53 1.62
N ALA C 19 0.51 41.43 0.89
CA ALA C 19 -0.45 40.34 1.16
C ALA C 19 -0.15 39.66 2.50
N HIS C 20 1.14 39.52 2.81
CA HIS C 20 1.49 38.93 4.12
C HIS C 20 1.03 39.84 5.23
N GLU C 21 1.27 41.13 5.10
CA GLU C 21 0.72 42.10 6.06
C GLU C 21 -0.80 42.00 6.21
N LYS C 22 -1.51 41.86 5.09
CA LYS C 22 -2.95 41.73 5.13
C LYS C 22 -3.40 40.45 5.83
N ALA C 23 -2.66 39.36 5.62
CA ALA C 23 -2.99 38.07 6.25
C ALA C 23 -2.75 38.09 7.77
N GLU C 24 -1.72 38.79 8.21
CA GLU C 24 -1.40 38.95 9.64
C GLU C 24 -2.51 39.73 10.33
N HIS C 25 -3.05 40.69 9.59
CA HIS C 25 -3.98 41.65 10.13
C HIS C 25 -5.41 41.31 9.76
N SER C 26 -5.63 40.14 9.20
CA SER C 26 -6.99 39.61 9.01
C SER C 26 -7.68 39.60 10.36
N THR C 27 -8.97 39.91 10.36
CA THR C 27 -9.70 40.04 11.59
C THR C 27 -9.73 38.71 12.35
N PHE C 28 -10.00 37.64 11.64
CA PHE C 28 -10.01 36.35 12.31
C PHE C 28 -8.67 36.02 13.01
N MET C 29 -7.54 36.11 12.32
CA MET C 29 -6.26 35.67 12.97
C MET C 29 -5.84 36.63 14.05
N SER C 30 -6.10 37.92 13.87
CA SER C 30 -5.67 38.86 14.88
C SER C 30 -6.53 38.72 16.12
N ASP C 31 -7.83 38.44 15.96
CA ASP C 31 -8.68 38.21 17.10
C ASP C 31 -8.21 36.89 17.76
N LEU C 32 -7.87 35.88 16.96
CA LEU C 32 -7.49 34.55 17.48
C LEU C 32 -6.21 34.69 18.30
N LEU C 33 -5.21 35.34 17.72
CA LEU C 33 -3.95 35.55 18.40
C LEU C 33 -4.04 36.46 19.60
N LYS C 34 -4.99 37.41 19.64
CA LYS C 34 -5.17 38.33 20.77
C LYS C 34 -5.80 37.67 22.00
N GLY C 35 -6.48 36.55 21.80
CA GLY C 35 -7.17 35.90 22.88
C GLY C 35 -8.65 36.22 22.90
N ARG C 36 -9.14 36.78 21.79
CA ARG C 36 -10.54 37.24 21.73
C ARG C 36 -11.51 36.14 21.25
N LEU C 37 -10.99 35.05 20.67
CA LEU C 37 -11.82 33.93 20.24
C LEU C 37 -11.68 32.76 21.27
N GLY C 38 -11.37 31.56 20.82
CA GLY C 38 -11.13 30.42 21.70
C GLY C 38 -10.65 29.14 20.97
N VAL C 39 -10.60 28.04 21.71
CA VAL C 39 -10.15 26.75 21.17
C VAL C 39 -11.08 26.28 20.04
N ALA C 40 -12.35 26.64 20.13
CA ALA C 40 -13.31 26.27 19.06
C ALA C 40 -12.84 26.79 17.70
N GLU C 41 -12.52 28.07 17.67
CA GLU C 41 -12.11 28.71 16.43
C GLU C 41 -10.77 28.14 15.94
N PHE C 42 -9.79 27.99 16.84
CA PHE C 42 -8.53 27.33 16.47
C PHE C 42 -8.76 25.97 15.83
N THR C 43 -9.67 25.18 16.40
CA THR C 43 -9.93 23.83 15.89
C THR C 43 -10.53 23.92 14.50
N ARG C 44 -11.42 24.86 14.28
CA ARG C 44 -11.99 25.07 12.92
C ARG C 44 -10.89 25.46 11.90
N LEU C 45 -9.95 26.29 12.33
CA LEU C 45 -8.80 26.61 11.48
C LEU C 45 -8.04 25.36 11.08
N GLN C 46 -7.73 24.53 12.07
CA GLN C 46 -6.92 23.37 11.79
C GLN C 46 -7.68 22.33 10.97
N GLU C 47 -8.99 22.25 11.13
CA GLU C 47 -9.77 21.39 10.24
C GLU C 47 -9.62 21.79 8.79
N GLN C 48 -9.76 23.07 8.51
CA GLN C 48 -9.58 23.56 7.13
C GLN C 48 -8.17 23.33 6.61
N ALA C 49 -7.17 23.55 7.47
CA ALA C 49 -5.80 23.37 7.10
C ALA C 49 -5.55 21.89 6.79
N TRP C 50 -6.15 20.99 7.56
CA TRP C 50 -6.02 19.57 7.18
C TRP C 50 -6.47 19.25 5.77
N LEU C 51 -7.61 19.79 5.36
CA LEU C 51 -8.07 19.60 3.99
C LEU C 51 -7.13 20.19 2.94
N PHE C 52 -6.65 21.43 3.13
CA PHE C 52 -5.75 22.00 2.11
C PHE C 52 -4.32 21.50 2.16
N TYR C 53 -3.80 21.19 3.35
CA TYR C 53 -2.49 20.53 3.38
C TYR C 53 -2.54 19.13 2.78
N THR C 54 -3.63 18.40 2.95
CA THR C 54 -3.74 17.12 2.29
C THR C 54 -3.60 17.28 0.75
N ALA C 55 -4.33 18.24 0.17
CA ALA C 55 -4.29 18.48 -1.28
C ALA C 55 -2.87 19.03 -1.70
N LEU C 56 -2.35 19.95 -0.92
CA LEU C 56 -0.98 20.48 -1.17
C LEU C 56 0.07 19.39 -1.25
N GLU C 57 0.05 18.49 -0.29
CA GLU C 57 1.04 17.42 -0.20
C GLU C 57 0.88 16.37 -1.29
N GLN C 58 -0.33 16.16 -1.81
CA GLN C 58 -0.49 15.34 -3.02
C GLN C 58 0.14 16.02 -4.23
N ALA C 59 -0.01 17.34 -4.32
CA ALA C 59 0.66 18.12 -5.38
C ALA C 59 2.20 18.12 -5.24
N VAL C 60 2.69 18.24 -4.02
CA VAL C 60 4.14 18.15 -3.76
C VAL C 60 4.68 16.77 -4.18
N ASP C 61 3.97 15.70 -3.81
CA ASP C 61 4.40 14.37 -4.17
C ASP C 61 4.49 14.22 -5.71
N ALA C 62 3.54 14.79 -6.46
CA ALA C 62 3.54 14.61 -7.90
C ALA C 62 4.68 15.37 -8.51
N VAL C 63 4.89 16.59 -8.04
CA VAL C 63 6.00 17.39 -8.58
C VAL C 63 7.37 16.78 -8.22
N ARG C 64 7.52 16.35 -6.98
CA ARG C 64 8.76 15.66 -6.59
C ARG C 64 9.07 14.47 -7.52
N ALA C 65 8.03 13.68 -7.82
CA ALA C 65 8.18 12.47 -8.65
C ALA C 65 8.56 12.82 -10.08
N SER C 66 8.23 14.02 -10.51
CA SER C 66 8.69 14.49 -11.81
C SER C 66 10.17 14.97 -11.83
N GLY C 67 10.80 15.05 -10.67
CA GLY C 67 12.19 15.48 -10.56
C GLY C 67 12.44 16.99 -10.53
N PHE C 68 11.40 17.77 -10.27
CA PHE C 68 11.51 19.22 -10.22
C PHE C 68 11.61 19.68 -8.76
N ALA C 69 12.58 20.54 -8.48
CA ALA C 69 12.76 21.11 -7.14
C ALA C 69 12.89 20.05 -6.06
N GLU C 70 13.56 18.92 -6.35
CA GLU C 70 13.60 17.81 -5.38
C GLU C 70 14.15 18.17 -3.99
N SER C 71 15.30 18.88 -3.94
CA SER C 71 15.90 19.21 -2.67
C SER C 71 15.00 20.14 -1.86
N LEU C 72 14.24 20.99 -2.53
CA LEU C 72 13.29 21.90 -1.86
C LEU C 72 12.12 21.16 -1.18
N LEU C 73 11.64 20.13 -1.85
CA LEU C 73 10.40 19.40 -1.50
C LEU C 73 10.70 18.30 -0.48
N ASP C 74 11.27 18.76 0.64
CA ASP C 74 11.72 17.92 1.72
C ASP C 74 10.45 17.31 2.36
N PRO C 75 10.28 15.99 2.35
CA PRO C 75 9.10 15.42 3.00
C PRO C 75 9.03 15.63 4.53
N ALA C 76 10.14 15.93 5.21
CA ALA C 76 10.10 16.28 6.64
C ALA C 76 9.16 17.45 6.94
N LEU C 77 8.84 18.23 5.90
CA LEU C 77 7.92 19.34 6.04
C LEU C 77 6.43 18.90 6.08
N ASN C 78 6.10 17.70 5.62
CA ASN C 78 4.72 17.24 5.51
C ASN C 78 3.97 17.51 6.84
N ARG C 79 2.80 18.10 6.71
CA ARG C 79 1.97 18.53 7.86
C ARG C 79 0.64 17.80 7.95
N ALA C 80 0.13 17.25 6.86
CA ALA C 80 -1.25 16.66 6.86
C ALA C 80 -1.46 15.60 7.94
N GLU C 81 -0.55 14.65 8.06
CA GLU C 81 -0.72 13.64 9.08
C GLU C 81 -0.55 14.14 10.53
N VAL C 82 0.33 15.11 10.73
CA VAL C 82 0.47 15.78 12.00
C VAL C 82 -0.80 16.52 12.36
N LEU C 83 -1.38 17.22 11.39
CA LEU C 83 -2.60 17.98 11.66
C LEU C 83 -3.72 17.02 12.08
N ALA C 84 -3.82 15.88 11.39
CA ALA C 84 -4.86 14.90 11.79
C ALA C 84 -4.69 14.47 13.25
N ARG C 85 -3.46 14.27 13.65
CA ARG C 85 -3.14 13.89 15.03
C ARG C 85 -3.48 15.01 16.00
N ASP C 86 -3.18 16.25 15.61
CA ASP C 86 -3.56 17.38 16.41
C ASP C 86 -5.10 17.43 16.60
N LEU C 87 -5.85 17.22 15.53
CA LEU C 87 -7.29 17.29 15.59
C LEU C 87 -7.87 16.13 16.44
N ASP C 88 -7.23 14.95 16.38
CA ASP C 88 -7.61 13.87 17.26
C ASP C 88 -7.47 14.28 18.72
N LYS C 89 -6.38 14.99 19.03
CA LYS C 89 -6.15 15.45 20.40
C LYS C 89 -7.12 16.58 20.81
N LEU C 90 -7.34 17.52 19.93
CA LEU C 90 -8.28 18.62 20.20
C LEU C 90 -9.72 18.07 20.47
N ASN C 91 -10.10 17.05 19.73
CA ASN C 91 -11.43 16.39 19.85
C ASN C 91 -11.57 15.25 20.82
N GLY C 92 -10.46 14.74 21.28
CA GLY C 92 -10.45 13.52 22.03
C GLY C 92 -11.09 12.36 21.32
N SER C 93 -11.13 12.40 19.98
CA SER C 93 -11.72 11.34 19.16
C SER C 93 -11.32 11.54 17.70
N SER C 94 -11.40 10.46 16.93
CA SER C 94 -11.25 10.52 15.49
C SER C 94 -12.47 11.04 14.77
N GLU C 95 -13.59 11.16 15.47
CA GLU C 95 -14.91 11.33 14.81
C GLU C 95 -15.11 12.70 14.12
N TRP C 96 -14.20 13.65 14.35
CA TRP C 96 -14.20 14.91 13.57
C TRP C 96 -14.23 14.61 12.06
N ARG C 97 -13.66 13.47 11.64
CA ARG C 97 -13.62 13.10 10.26
C ARG C 97 -15.04 12.92 9.68
N SER C 98 -16.01 12.58 10.53
CA SER C 98 -17.40 12.41 10.15
C SER C 98 -18.26 13.72 10.14
N ARG C 99 -17.65 14.85 10.45
CA ARG C 99 -18.35 16.14 10.60
C ARG C 99 -17.70 17.21 9.75
N ILE C 100 -16.44 17.06 9.40
CA ILE C 100 -15.64 18.12 8.78
C ILE C 100 -16.15 18.40 7.40
N THR C 101 -16.21 19.70 7.05
CA THR C 101 -16.43 20.05 5.65
C THR C 101 -15.68 21.28 5.21
N ALA C 102 -15.24 21.26 3.98
CA ALA C 102 -14.49 22.35 3.39
C ALA C 102 -15.38 23.57 3.22
N SER C 103 -14.87 24.73 3.64
CA SER C 103 -15.51 25.99 3.43
C SER C 103 -15.37 26.38 1.95
N PRO C 104 -16.15 27.34 1.49
CA PRO C 104 -16.11 27.74 0.06
C PRO C 104 -14.71 28.08 -0.43
N ALA C 105 -13.96 28.80 0.38
CA ALA C 105 -12.55 29.17 0.10
C ALA C 105 -11.61 27.98 0.01
N VAL C 106 -11.84 26.98 0.84
CA VAL C 106 -11.02 25.81 0.86
C VAL C 106 -11.30 24.93 -0.36
N ILE C 107 -12.56 24.86 -0.78
CA ILE C 107 -12.93 24.15 -2.01
C ILE C 107 -12.14 24.73 -3.17
N ASP C 108 -12.10 26.06 -3.25
CA ASP C 108 -11.39 26.68 -4.37
C ASP C 108 -9.89 26.45 -4.29
N TYR C 109 -9.33 26.53 -3.07
CA TYR C 109 -7.92 26.34 -2.83
C TYR C 109 -7.55 24.92 -3.15
N VAL C 110 -8.35 23.95 -2.66
CA VAL C 110 -8.09 22.53 -2.96
C VAL C 110 -8.18 22.28 -4.46
N ASN C 111 -9.18 22.86 -5.12
CA ASN C 111 -9.36 22.70 -6.58
C ASN C 111 -8.11 23.16 -7.34
N ARG C 112 -7.50 24.26 -6.93
CA ARG C 112 -6.29 24.73 -7.59
C ARG C 112 -5.11 23.81 -7.33
N LEU C 113 -4.98 23.32 -6.12
CA LEU C 113 -3.88 22.46 -5.73
C LEU C 113 -4.01 21.14 -6.48
N GLU C 114 -5.25 20.68 -6.66
CA GLU C 114 -5.49 19.46 -7.46
C GLU C 114 -5.15 19.66 -8.90
N GLU C 115 -5.42 20.85 -9.46
CA GLU C 115 -5.03 21.15 -10.82
C GLU C 115 -3.52 21.18 -11.01
N ILE C 116 -2.81 21.80 -10.07
CA ILE C 116 -1.33 21.77 -10.02
C ILE C 116 -0.77 20.34 -9.95
N ARG C 117 -1.40 19.49 -9.16
CA ARG C 117 -1.02 18.10 -9.12
C ARG C 117 -1.22 17.39 -10.48
N ASP C 118 -2.43 17.52 -11.04
CA ASP C 118 -2.82 16.85 -12.30
C ASP C 118 -1.98 17.34 -13.49
N ASN C 119 -1.69 18.62 -13.53
CA ASN C 119 -0.85 19.24 -14.53
C ASN C 119 0.65 19.09 -14.27
N VAL C 120 1.05 18.59 -13.12
CA VAL C 120 2.42 18.56 -12.67
C VAL C 120 3.15 19.93 -12.92
N ASP C 121 2.54 20.97 -12.40
CA ASP C 121 3.06 22.34 -12.58
C ASP C 121 4.07 22.71 -11.46
N GLY C 122 5.32 22.41 -11.72
CA GLY C 122 6.39 22.58 -10.76
C GLY C 122 6.48 23.97 -10.20
N PRO C 123 6.70 24.95 -11.09
CA PRO C 123 6.79 26.35 -10.65
C PRO C 123 5.57 26.81 -9.76
N ALA C 124 4.37 26.46 -10.17
CA ALA C 124 3.18 26.79 -9.39
C ALA C 124 3.16 26.09 -8.02
N LEU C 125 3.54 24.82 -7.99
CA LEU C 125 3.67 24.09 -6.73
C LEU C 125 4.71 24.73 -5.78
N VAL C 126 5.91 25.05 -6.28
CA VAL C 126 6.90 25.75 -5.46
C VAL C 126 6.34 27.02 -4.83
N ALA C 127 5.57 27.77 -5.59
CA ALA C 127 4.95 29.00 -5.02
C ALA C 127 4.08 28.66 -3.81
N HIS C 128 3.22 27.68 -3.96
CA HIS C 128 2.35 27.26 -2.87
C HIS C 128 3.15 26.71 -1.66
N HIS C 129 4.25 26.05 -1.95
CA HIS C 129 5.11 25.43 -0.93
C HIS C 129 5.76 26.55 -0.11
N TYR C 130 6.32 27.51 -0.80
CA TYR C 130 6.89 28.73 -0.17
C TYR C 130 5.83 29.41 0.69
N VAL C 131 4.64 29.62 0.16
CA VAL C 131 3.63 30.38 0.90
C VAL C 131 3.18 29.69 2.23
N ARG C 132 2.97 28.39 2.19
CA ARG C 132 2.61 27.67 3.43
C ARG C 132 3.83 27.34 4.28
N TYR C 133 4.77 26.57 3.74
CA TYR C 133 5.85 26.04 4.61
C TYR C 133 6.75 27.06 5.22
N LEU C 134 7.19 28.05 4.43
CA LEU C 134 8.10 29.04 4.97
C LEU C 134 7.42 29.91 6.04
N GLY C 135 6.12 30.18 5.86
CA GLY C 135 5.32 30.80 6.90
C GLY C 135 5.21 29.98 8.18
N ASP C 136 4.94 28.71 8.01
CA ASP C 136 4.82 27.82 9.17
C ASP C 136 6.17 27.82 9.91
N LEU C 137 7.27 27.80 9.17
CA LEU C 137 8.60 27.73 9.78
C LEU C 137 8.99 29.06 10.45
N SER C 138 8.45 30.15 9.89
CA SER C 138 8.83 31.49 10.32
C SER C 138 8.01 32.05 11.44
N GLY C 139 6.71 31.81 11.38
CA GLY C 139 5.75 32.45 12.26
C GLY C 139 4.93 31.49 13.09
N GLY C 140 5.04 30.22 12.77
CA GLY C 140 4.28 29.22 13.51
C GLY C 140 4.44 29.14 14.99
N GLN C 141 5.66 29.34 15.47
CA GLN C 141 5.87 29.24 16.87
C GLN C 141 5.13 30.34 17.62
N VAL C 142 4.91 31.49 16.95
CA VAL C 142 4.18 32.59 17.63
C VAL C 142 2.71 32.14 17.83
N ILE C 143 2.16 31.59 16.77
CA ILE C 143 0.77 31.12 16.79
C ILE C 143 0.60 30.04 17.86
N ALA C 144 1.47 29.04 17.87
CA ALA C 144 1.41 28.00 18.89
C ALA C 144 1.47 28.55 20.30
N ARG C 145 2.40 29.46 20.55
CA ARG C 145 2.57 30.03 21.89
C ARG C 145 1.30 30.75 22.30
N MET C 146 0.69 31.44 21.35
CA MET C 146 -0.49 32.24 21.69
C MET C 146 -1.67 31.34 22.01
N MET C 147 -1.72 30.17 21.36
CA MET C 147 -2.83 29.24 21.59
C MET C 147 -2.69 28.68 23.01
N GLN C 148 -1.49 28.40 23.42
CA GLN C 148 -1.23 27.99 24.80
C GLN C 148 -1.53 29.11 25.79
N ARG C 149 -0.97 30.29 25.53
CA ARG C 149 -1.12 31.48 26.42
C ARG C 149 -2.58 31.80 26.62
N HIS C 150 -3.28 32.01 25.53
CA HIS C 150 -4.64 32.55 25.61
C HIS C 150 -5.72 31.51 25.90
N TYR C 151 -5.55 30.29 25.39
CA TYR C 151 -6.61 29.31 25.41
C TYR C 151 -6.24 28.00 26.13
N GLY C 152 -5.00 27.88 26.60
CA GLY C 152 -4.57 26.68 27.30
C GLY C 152 -4.48 25.43 26.47
N VAL C 153 -4.38 25.58 25.16
CA VAL C 153 -4.19 24.45 24.29
C VAL C 153 -2.88 23.73 24.70
N ASP C 154 -2.97 22.41 24.73
CA ASP C 154 -1.87 21.58 25.14
C ASP C 154 -0.87 21.50 24.03
N PRO C 155 0.42 21.56 24.30
CA PRO C 155 1.40 21.34 23.22
C PRO C 155 1.25 20.05 22.40
N GLU C 156 0.64 19.00 22.94
CA GLU C 156 0.39 17.80 22.17
C GLU C 156 -0.59 18.07 21.02
N ALA C 157 -1.37 19.15 21.10
CA ALA C 157 -2.34 19.47 20.09
C ALA C 157 -1.84 20.51 19.11
N LEU C 158 -0.55 20.83 19.22
CA LEU C 158 0.12 21.84 18.44
C LEU C 158 1.31 21.29 17.67
N GLY C 159 1.31 19.99 17.40
CA GLY C 159 2.39 19.33 16.64
C GLY C 159 2.62 19.95 15.24
N PHE C 160 1.54 20.50 14.66
CA PHE C 160 1.57 21.21 13.37
C PHE C 160 2.72 22.27 13.34
N TYR C 161 2.93 22.95 14.47
CA TYR C 161 3.86 24.07 14.50
C TYR C 161 5.25 23.68 14.91
N HIS C 162 5.48 22.39 15.09
CA HIS C 162 6.76 21.83 15.55
C HIS C 162 7.25 20.93 14.41
N PHE C 163 8.48 21.14 13.93
CA PHE C 163 9.03 20.33 12.84
C PHE C 163 10.06 19.33 13.35
N GLU C 164 9.61 18.06 13.44
CA GLU C 164 10.44 16.96 13.96
C GLU C 164 11.66 16.77 13.05
N GLY C 165 12.80 16.59 13.68
CA GLY C 165 13.99 16.33 12.87
C GLY C 165 14.64 17.58 12.34
N ILE C 166 13.87 18.65 12.10
CA ILE C 166 14.44 19.92 11.64
C ILE C 166 15.10 20.58 12.79
N ALA C 167 16.40 20.54 12.65
CA ALA C 167 17.37 20.70 13.68
C ALA C 167 17.57 22.16 14.18
N LYS C 168 18.02 22.92 13.22
CA LYS C 168 18.64 24.21 13.35
C LYS C 168 17.70 25.01 12.45
N LEU C 169 16.57 25.42 12.99
CA LEU C 169 15.55 26.05 12.17
C LEU C 169 16.03 27.27 11.37
N LYS C 170 16.87 28.11 11.97
CA LYS C 170 17.32 29.29 11.22
C LYS C 170 18.22 28.87 10.05
N VAL C 171 19.05 27.87 10.26
CA VAL C 171 19.86 27.33 9.17
C VAL C 171 18.93 26.74 8.11
N TYR C 172 17.94 25.96 8.51
CA TYR C 172 16.98 25.34 7.57
C TYR C 172 16.29 26.38 6.70
N LYS C 173 15.79 27.45 7.31
CA LYS C 173 15.17 28.49 6.52
C LYS C 173 16.11 29.19 5.55
N ASP C 174 17.34 29.49 5.98
CA ASP C 174 18.31 30.14 5.11
C ASP C 174 18.59 29.29 3.89
N GLU C 175 18.74 28.00 4.12
CA GLU C 175 19.05 27.04 3.08
C GLU C 175 17.81 26.84 2.16
N TYR C 176 16.62 26.95 2.72
CA TYR C 176 15.39 26.91 1.92
C TYR C 176 15.39 28.06 0.93
N ARG C 177 15.71 29.26 1.45
CA ARG C 177 15.82 30.44 0.62
C ARG C 177 16.88 30.31 -0.44
N GLU C 178 18.03 29.72 -0.10
CA GLU C 178 19.10 29.52 -1.09
C GLU C 178 18.67 28.51 -2.17
N LYS C 179 17.92 27.50 -1.77
CA LYS C 179 17.37 26.53 -2.73
C LYS C 179 16.45 27.23 -3.74
N LEU C 180 15.63 28.19 -3.27
CA LEU C 180 14.77 28.97 -4.16
C LEU C 180 15.62 29.79 -5.13
N ASN C 181 16.57 30.52 -4.55
CA ASN C 181 17.53 31.25 -5.34
C ASN C 181 18.23 30.45 -6.45
N ASN C 182 18.49 29.18 -6.18
CA ASN C 182 19.32 28.34 -7.02
C ASN C 182 18.51 27.40 -7.90
N LEU C 183 17.20 27.51 -7.80
CA LEU C 183 16.32 26.76 -8.67
C LEU C 183 16.45 27.39 -10.07
N GLU C 184 16.83 26.58 -11.04
CA GLU C 184 16.98 27.13 -12.42
C GLU C 184 15.59 27.29 -13.07
N LEU C 185 15.20 28.52 -13.37
CA LEU C 185 13.89 28.77 -13.97
C LEU C 185 14.03 29.66 -15.20
N SER C 186 13.28 29.35 -16.25
CA SER C 186 13.21 30.26 -17.38
C SER C 186 12.42 31.48 -16.96
N ASP C 187 12.47 32.50 -17.81
CA ASP C 187 11.71 33.71 -17.54
C ASP C 187 10.23 33.44 -17.40
N GLU C 188 9.69 32.56 -18.22
CA GLU C 188 8.25 32.29 -18.18
C GLU C 188 7.93 31.49 -16.90
N GLN C 189 8.83 30.58 -16.55
CA GLN C 189 8.60 29.79 -15.34
C GLN C 189 8.62 30.69 -14.08
N ARG C 190 9.59 31.59 -14.02
CA ARG C 190 9.73 32.55 -12.92
C ARG C 190 8.48 33.40 -12.77
N GLU C 191 8.02 34.01 -13.85
CA GLU C 191 6.85 34.87 -13.81
C GLU C 191 5.64 34.08 -13.37
N HIS C 192 5.49 32.85 -13.84
CA HIS C 192 4.35 32.01 -13.45
C HIS C 192 4.36 31.65 -11.96
N LEU C 193 5.53 31.33 -11.45
CA LEU C 193 5.72 31.09 -10.05
C LEU C 193 5.34 32.35 -9.23
N LEU C 194 5.83 33.52 -9.66
CA LEU C 194 5.61 34.72 -8.87
C LEU C 194 4.12 35.07 -8.84
N LYS C 195 3.45 34.91 -9.97
CA LYS C 195 2.01 35.12 -10.04
C LYS C 195 1.27 34.16 -9.14
N GLU C 196 1.74 32.91 -9.14
CA GLU C 196 1.10 31.91 -8.30
C GLU C 196 1.25 32.21 -6.79
N ALA C 197 2.35 32.82 -6.36
CA ALA C 197 2.56 33.08 -4.94
C ALA C 197 1.55 34.12 -4.44
N THR C 198 1.30 35.11 -5.29
CA THR C 198 0.26 36.11 -5.05
C THR C 198 -1.11 35.41 -4.99
N ASP C 199 -1.41 34.49 -5.92
CA ASP C 199 -2.66 33.73 -5.83
C ASP C 199 -2.78 32.93 -4.55
N ALA C 200 -1.68 32.28 -4.15
CA ALA C 200 -1.67 31.48 -2.96
C ALA C 200 -1.97 32.31 -1.70
N PHE C 201 -1.43 33.50 -1.60
CA PHE C 201 -1.80 34.34 -0.46
C PHE C 201 -3.28 34.70 -0.51
N VAL C 202 -3.78 35.01 -1.70
CA VAL C 202 -5.23 35.32 -1.87
C VAL C 202 -6.10 34.15 -1.37
N PHE C 203 -5.71 32.91 -1.68
CA PHE C 203 -6.51 31.76 -1.22
C PHE C 203 -6.51 31.71 0.30
N ASN C 204 -5.33 31.96 0.89
CA ASN C 204 -5.25 31.90 2.36
C ASN C 204 -6.02 33.03 3.03
N HIS C 205 -5.98 34.24 2.47
CA HIS C 205 -6.82 35.35 2.97
C HIS C 205 -8.30 34.91 2.96
N GLN C 206 -8.75 34.27 1.88
CA GLN C 206 -10.16 33.86 1.79
C GLN C 206 -10.50 32.75 2.80
N VAL C 207 -9.56 31.84 3.08
CA VAL C 207 -9.75 30.89 4.18
C VAL C 207 -10.09 31.59 5.50
N PHE C 208 -9.32 32.62 5.82
CA PHE C 208 -9.50 33.34 7.10
C PHE C 208 -10.81 34.13 7.07
N ALA C 209 -11.13 34.71 5.91
CA ALA C 209 -12.40 35.42 5.73
C ALA C 209 -13.58 34.50 6.02
N ASP C 210 -13.59 33.28 5.46
CA ASP C 210 -14.68 32.33 5.70
C ASP C 210 -14.79 31.93 7.16
N LEU C 211 -13.65 31.66 7.78
CA LEU C 211 -13.58 31.36 9.22
C LEU C 211 -14.14 32.52 10.08
N GLY C 212 -13.85 33.75 9.71
CA GLY C 212 -14.31 34.94 10.43
C GLY C 212 -15.83 35.15 10.36
N LYS C 213 -16.45 34.51 9.37
CA LYS C 213 -17.90 34.35 9.20
C LYS C 213 -18.09 34.69 7.75
C1 GLC D . 27.17 -16.42 -6.88
C2 GLC D . 28.42 -15.70 -6.28
C3 GLC D . 29.34 -15.21 -7.40
C4 GLC D . 29.70 -16.43 -8.23
C5 GLC D . 28.42 -17.10 -8.81
C6 GLC D . 28.75 -18.31 -9.70
O2 GLC D . 27.94 -14.64 -5.48
O3 GLC D . 30.55 -14.49 -6.98
O4 GLC D . 30.44 -15.94 -9.29
O5 GLC D . 27.56 -17.50 -7.75
O6 GLC D . 27.59 -18.81 -10.32
C1 FRU D . 24.36 -15.61 -6.18
C2 FRU D . 24.93 -15.57 -7.59
C3 FRU D . 24.37 -14.41 -8.44
C4 FRU D . 24.32 -15.04 -9.84
C5 FRU D . 23.89 -16.47 -9.55
C6 FRU D . 24.31 -17.53 -10.58
O1 FRU D . 22.97 -15.82 -6.41
O2 FRU D . 26.39 -15.43 -7.60
O3 FRU D . 25.17 -13.22 -8.40
O4 FRU D . 23.49 -14.34 -10.73
O5 FRU D . 24.51 -16.75 -8.26
O6 FRU D . 25.58 -17.26 -11.14
CHA HEM E . 21.44 -18.62 -13.40
CHB HEM E . 16.98 -18.71 -11.45
CHC HEM E . 18.17 -22.70 -9.00
CHD HEM E . 22.64 -22.57 -10.79
C1A HEM E . 20.12 -18.28 -13.11
C2A HEM E . 19.42 -17.13 -13.62
C3A HEM E . 18.20 -17.18 -13.08
C4A HEM E . 18.11 -18.32 -12.17
CMA HEM E . 17.08 -16.23 -13.26
CAA HEM E . 19.94 -16.10 -14.64
CBA HEM E . 20.72 -14.97 -13.95
CGA HEM E . 21.06 -13.94 -14.96
O1A HEM E . 21.90 -14.19 -15.83
O2A HEM E . 20.43 -12.85 -14.91
C1B HEM E . 16.90 -19.81 -10.60
C2B HEM E . 15.77 -20.21 -9.81
C3B HEM E . 16.11 -21.31 -9.13
C4B HEM E . 17.46 -21.63 -9.50
CMB HEM E . 14.44 -19.44 -9.83
CAB HEM E . 15.32 -22.16 -8.16
CBB HEM E . 13.98 -22.09 -8.12
C1C HEM E . 19.47 -23.02 -9.28
C2C HEM E . 20.08 -24.27 -8.92
C3C HEM E . 21.36 -24.12 -9.25
C4C HEM E . 21.53 -22.95 -10.08
CMC HEM E . 19.61 -25.26 -7.84
CAC HEM E . 22.37 -25.20 -8.93
CBC HEM E . 23.42 -25.34 -9.72
C1D HEM E . 22.71 -21.46 -11.60
C2D HEM E . 23.90 -21.03 -12.29
C3D HEM E . 23.54 -19.81 -13.09
C4D HEM E . 22.14 -19.64 -12.83
CMD HEM E . 25.30 -21.63 -12.25
CAD HEM E . 24.45 -19.01 -14.03
CBD HEM E . 24.30 -19.41 -15.51
CGD HEM E . 24.58 -20.84 -15.86
O1D HEM E . 25.45 -21.43 -15.20
O2D HEM E . 23.98 -21.41 -16.82
NA HEM E . 19.30 -18.97 -12.23
NB HEM E . 17.90 -20.71 -10.36
NC HEM E . 20.32 -22.32 -10.13
ND HEM E . 21.66 -20.63 -11.95
FE HEM E . 19.83 -20.57 -11.09
S SO4 F . 25.55 -17.03 -18.92
O1 SO4 F . 26.41 -16.05 -18.26
O2 SO4 F . 26.20 -18.34 -19.15
O3 SO4 F . 25.28 -16.49 -20.22
O4 SO4 F . 24.25 -17.26 -18.26
S SO4 G . 15.12 -24.17 3.64
O1 SO4 G . 14.18 -23.86 4.72
O2 SO4 G . 16.02 -25.25 4.00
O3 SO4 G . 15.87 -22.96 3.26
O4 SO4 G . 14.29 -24.64 2.52
S SO4 H . 25.30 -23.33 -25.66
O1 SO4 H . 25.41 -22.69 -24.34
O2 SO4 H . 26.62 -23.82 -26.01
O3 SO4 H . 25.02 -22.38 -26.75
O4 SO4 H . 24.28 -24.41 -25.54
O1 OXY I . 19.30 -21.59 -12.55
O2 OXY I . 18.52 -22.50 -12.27
CHA HEM J . -11.27 -16.01 6.53
CHB HEM J . -12.98 -12.06 8.72
CHC HEM J . -15.99 -11.48 4.93
CHD HEM J . -14.07 -15.12 2.56
C1A HEM J . -11.47 -15.03 7.46
C2A HEM J . -10.81 -14.90 8.76
C3A HEM J . -11.30 -13.80 9.34
C4A HEM J . -12.27 -13.21 8.46
CMA HEM J . -10.99 -13.20 10.73
CAA HEM J . -9.76 -15.88 9.28
CBA HEM J . -10.39 -17.14 9.87
CGA HEM J . -9.30 -17.89 10.50
O1A HEM J . -8.50 -18.53 9.77
O2A HEM J . -9.14 -17.77 11.75
C1B HEM J . -13.97 -11.59 7.88
C2B HEM J . -14.83 -10.49 8.13
C3B HEM J . -15.67 -10.35 7.10
C4B HEM J . -15.37 -11.37 6.16
CMB HEM J . -14.75 -9.62 9.40
CAB HEM J . -16.75 -9.31 6.86
CBB HEM J . -17.47 -8.87 7.90
C1C HEM J . -15.70 -12.35 3.93
C2C HEM J . -16.25 -12.30 2.58
C3C HEM J . -15.91 -13.43 2.01
C4C HEM J . -14.87 -14.05 2.80
CMC HEM J . -17.50 -11.48 2.21
CAC HEM J . -16.35 -13.85 0.59
CBC HEM J . -15.38 -14.03 -0.29
C1D HEM J . -13.16 -15.69 3.46
C2D HEM J . -12.39 -16.87 3.13
C3D HEM J . -11.54 -17.15 4.33
C4D HEM J . -11.87 -16.12 5.31
CMD HEM J . -12.40 -17.68 1.81
CAD HEM J . -10.53 -18.30 4.44
CBD HEM J . -11.31 -19.47 5.05
CGD HEM J . -10.42 -20.68 5.08
O1D HEM J . -10.15 -21.25 4.00
O2D HEM J . -9.99 -21.10 6.18
NA HEM J . -12.37 -14.00 7.34
NB HEM J . -14.32 -12.10 6.68
NC HEM J . -14.77 -13.37 3.99
ND HEM J . -12.82 -15.31 4.75
FE HEM J . -13.58 -13.72 5.71
S SO4 K . -4.75 -20.30 5.37
O1 SO4 K . -4.42 -21.75 5.33
O2 SO4 K . -5.03 -19.84 4.02
O3 SO4 K . -3.58 -19.64 5.97
O4 SO4 K . -5.95 -19.99 6.14
S SO4 L . 5.06 -9.60 22.66
O1 SO4 L . 6.26 -10.21 23.30
O2 SO4 L . 5.45 -9.39 21.28
O3 SO4 L . 4.79 -8.23 23.36
O4 SO4 L . 3.90 -10.54 22.79
S SO4 M . -28.69 -9.07 6.42
O1 SO4 M . -27.90 -7.82 6.48
O2 SO4 M . -28.87 -9.43 5.03
O3 SO4 M . -30.00 -8.82 6.99
O4 SO4 M . -28.05 -10.23 7.09
S SO4 N . -0.71 2.02 -1.94
O1 SO4 N . -0.02 2.02 -0.64
O2 SO4 N . 0.29 2.15 -3.01
O3 SO4 N . -1.67 3.13 -2.09
O4 SO4 N . -1.42 0.72 -2.08
O1 OXY O . -12.16 -12.59 4.96
O2 OXY O . -12.65 -11.57 4.54
CHA HEM P . 7.20 35.00 7.47
CHB HEM P . 3.32 33.23 5.09
CHC HEM P . 0.29 34.52 8.65
CHD HEM P . 4.09 35.89 11.25
C1A HEM P . 6.41 34.44 6.51
C2A HEM P . 6.85 33.94 5.24
C3A HEM P . 5.78 33.42 4.61
C4A HEM P . 4.61 33.62 5.45
CMA HEM P . 5.77 32.78 3.22
CAA HEM P . 8.30 33.97 4.76
CBA HEM P . 8.76 35.36 4.35
CGA HEM P . 10.11 35.22 3.68
O1A HEM P . 11.14 35.24 4.43
O2A HEM P . 10.13 35.11 2.42
C1B HEM P . 2.17 33.47 5.83
C2B HEM P . 0.83 33.11 5.45
C3B HEM P . 0.01 33.47 6.43
C4B HEM P . 0.79 34.07 7.46
CMB HEM P . 0.40 32.38 4.17
CAB HEM P . -1.52 33.26 6.48
CBB HEM P . -2.28 33.65 5.44
C1C HEM P . 1.03 35.00 9.69
C2C HEM P . 0.51 35.45 10.98
C3C HEM P . 1.57 35.86 11.69
C4C HEM P . 2.80 35.62 10.92
CMC HEM P . -0.99 35.53 11.37
CAC HEM P . 1.56 36.45 13.09
CBC HEM P . 2.23 35.76 14.02
C1D HEM P . 5.23 35.78 10.45
C2D HEM P . 6.55 36.17 10.90
C3D HEM P . 7.51 35.93 9.75
C4D HEM P . 6.70 35.41 8.70
CMD HEM P . 6.91 36.76 12.28
CAD HEM P . 9.03 36.20 9.69
CBD HEM P . 9.14 37.54 8.97
CGD HEM P . 10.56 37.87 8.61
O1D HEM P . 10.81 39.09 8.31
O2D HEM P . 11.43 36.94 8.63
NA HEM P . 5.05 34.21 6.61
NB HEM P . 2.11 34.06 7.05
NC HEM P . 2.42 35.09 9.70
ND HEM P . 5.39 35.32 9.16
FE HEM P . 3.75 34.71 8.09
S SO4 Q . 3.33 14.74 16.08
O1 SO4 Q . 3.54 16.19 16.24
O2 SO4 Q . 3.97 14.23 14.85
O3 SO4 Q . 1.90 14.41 16.02
O4 SO4 Q . 3.93 14.09 17.28
S SO4 R . -14.41 27.38 23.25
O1 SO4 R . -13.47 27.40 24.37
O2 SO4 R . -13.85 28.15 22.14
O3 SO4 R . -15.66 28.01 23.68
O4 SO4 R . -14.72 26.01 22.80
S SO4 S . 16.78 19.74 -7.55
O1 SO4 S . 17.02 19.18 -6.21
O2 SO4 S . 18.08 19.59 -8.25
O3 SO4 S . 16.37 21.16 -7.57
O4 SO4 S . 15.79 18.95 -8.36
S SO4 T . 2.21 33.24 29.21
O1 SO4 T . 3.30 32.81 30.10
O2 SO4 T . 1.20 32.17 29.22
O3 SO4 T . 2.74 33.40 27.86
O4 SO4 T . 1.65 34.53 29.63
S SO4 U . -10.85 38.86 7.40
O1 SO4 U . -10.41 40.18 7.85
O2 SO4 U . -9.88 38.29 6.45
O3 SO4 U . -12.15 39.00 6.75
O4 SO4 U . -10.95 37.92 8.54
O1 OXY V . 4.31 33.03 8.94
O2 OXY V . 3.28 32.67 9.41
#